data_5IVZ
#
_entry.id   5IVZ
#
_cell.length_a   64.340
_cell.length_b   82.570
_cell.length_c   212.050
_cell.angle_alpha   90.00
_cell.angle_beta   90.00
_cell.angle_gamma   90.00
#
_symmetry.space_group_name_H-M   'P 21 21 21'
#
loop_
_entity.id
_entity.type
_entity.pdbx_description
1 polymer 'Cetuximab Fab, light chain'
2 polymer 'Cetuximab Fab, heavy chain'
3 polymer 'Meditope variant'
4 non-polymer 'PHOSPHATE ION'
5 water water
#
loop_
_entity_poly.entity_id
_entity_poly.type
_entity_poly.pdbx_seq_one_letter_code
_entity_poly.pdbx_strand_id
1 'polypeptide(L)'
;DILLTQSPVILSVSPGERVSFSCRASQSIGTNIHWYQQRTNGSPRLLIKYASESISGIPSRFSGSGSGTDFTLSINSVES
EDIADYYCQQNNNWPTTFGAGTKLELKRTVAAPSVFIFPPSDEQLKSGTASVVCLLNNFYPREAKVQWKVDNALQSGNSQ
ESVTEQDSKDSTYSLSSTLTLSKADYEKHKVYACEVTHQGLSSPVTKSFNRGA
;
A,C
2 'polypeptide(L)'
;QVQLKQSGPGLVQPSQSLSITCTVSGFSLTNYGVHWVRQSPGKGLEWLGVIWSGGNTDYNTPFTSRLSINKDNSKSQVFF
KMNSLQSNDTAIYYCARALTYYDYEFAYWGQGTLVTVSAASTKGPSVFPLAPSSKSTSGGTAALGCLVKDYFPEPVTVSW
NSGALTSGVHTFPAVLQSSGLYSLSSVVTVPSSSLGTQTYICNVNHKPSNTKVDKRVEPKS
;
B,D
3 'polypeptide(L)' GQFDLST(CIR)RLKG E,F
#
# COMPACT_ATOMS: atom_id res chain seq x y z
N ASP A 1 -18.08 18.03 19.88
CA ASP A 1 -16.80 17.37 20.11
C ASP A 1 -15.81 17.71 19.01
N ILE A 2 -14.52 17.72 19.37
CA ILE A 2 -13.44 17.81 18.39
C ILE A 2 -13.37 16.53 17.58
N LEU A 3 -13.43 16.65 16.26
CA LEU A 3 -13.29 15.52 15.35
C LEU A 3 -11.84 15.48 14.86
N LEU A 4 -11.23 14.30 14.95
CA LEU A 4 -9.83 14.10 14.58
C LEU A 4 -9.79 13.18 13.37
N THR A 5 -9.22 13.67 12.29
CA THR A 5 -9.12 12.91 11.04
C THR A 5 -7.67 12.50 10.85
N GLN A 6 -7.41 11.20 10.87
CA GLN A 6 -6.08 10.65 10.66
C GLN A 6 -5.92 10.14 9.24
N SER A 7 -4.76 10.37 8.65
CA SER A 7 -4.54 10.00 7.26
C SER A 7 -3.07 9.66 7.01
N PRO A 8 -2.82 8.76 6.05
CA PRO A 8 -3.85 7.99 5.35
C PRO A 8 -4.39 6.87 6.22
N VAL A 9 -5.28 6.05 5.68
CA VAL A 9 -5.82 4.96 6.49
C VAL A 9 -4.77 3.86 6.66
N ILE A 10 -3.99 3.58 5.62
CA ILE A 10 -2.91 2.60 5.69
C ILE A 10 -1.62 3.25 5.19
N LEU A 11 -0.52 2.96 5.87
CA LEU A 11 0.80 3.35 5.41
C LEU A 11 1.65 2.09 5.21
N SER A 12 2.42 2.07 4.12
CA SER A 12 3.29 0.93 3.84
C SER A 12 4.66 1.46 3.46
N VAL A 13 5.70 1.02 4.18
CA VAL A 13 7.06 1.45 3.95
C VAL A 13 8.00 0.27 4.20
N SER A 14 9.29 0.50 3.95
CA SER A 14 10.33 -0.50 4.18
C SER A 14 11.14 -0.12 5.41
N PRO A 15 11.74 -1.10 6.10
CA PRO A 15 12.58 -0.77 7.25
C PRO A 15 13.70 0.18 6.88
N GLY A 16 14.03 1.08 7.81
CA GLY A 16 15.01 2.11 7.58
C GLY A 16 14.46 3.37 6.96
N GLU A 17 13.31 3.30 6.31
CA GLU A 17 12.72 4.49 5.72
C GLU A 17 12.04 5.33 6.81
N ARG A 18 11.84 6.60 6.51
CA ARG A 18 11.11 7.49 7.38
C ARG A 18 9.62 7.36 7.10
N VAL A 19 8.80 7.61 8.10
CA VAL A 19 7.35 7.61 7.88
C VAL A 19 6.70 8.61 8.82
N SER A 20 5.69 9.31 8.30
CA SER A 20 4.93 10.30 9.07
C SER A 20 3.44 9.96 9.05
N PHE A 21 2.79 10.23 10.18
CA PHE A 21 1.36 10.07 10.35
C PHE A 21 0.73 11.45 10.52
N SER A 22 -0.39 11.68 9.83
CA SER A 22 -1.10 12.94 9.95
C SER A 22 -2.32 12.79 10.85
N CYS A 23 -2.55 13.80 11.68
CA CYS A 23 -3.77 13.91 12.48
C CYS A 23 -4.23 15.36 12.43
N ARG A 24 -5.42 15.57 11.89
CA ARG A 24 -5.97 16.91 11.69
C ARG A 24 -7.23 17.06 12.53
N ALA A 25 -7.36 18.23 13.16
CA ALA A 25 -8.47 18.49 14.06
C ALA A 25 -9.48 19.44 13.42
N SER A 26 -10.74 19.28 13.81
CA SER A 26 -11.83 20.09 13.27
C SER A 26 -11.76 21.55 13.72
N GLN A 27 -11.07 21.84 14.82
CA GLN A 27 -10.73 23.23 15.15
C GLN A 27 -9.45 23.23 15.98
N SER A 28 -8.88 24.42 16.16
CA SER A 28 -7.60 24.49 16.84
C SER A 28 -7.65 23.86 18.22
N ILE A 29 -6.59 23.13 18.57
CA ILE A 29 -6.48 22.47 19.87
C ILE A 29 -5.09 22.74 20.43
N GLY A 30 -4.46 23.82 19.97
CA GLY A 30 -3.15 24.22 20.46
C GLY A 30 -2.09 23.18 20.13
N THR A 31 -1.43 22.69 21.18
CA THR A 31 -0.54 21.54 21.08
C THR A 31 -1.03 20.40 21.96
N ASN A 32 -2.33 20.36 22.24
CA ASN A 32 -2.89 19.43 23.21
C ASN A 32 -3.32 18.14 22.48
N ILE A 33 -2.32 17.42 22.00
CA ILE A 33 -2.55 16.17 21.29
C ILE A 33 -1.56 15.14 21.80
N HIS A 34 -2.03 13.89 21.95
CA HIS A 34 -1.20 12.76 22.38
C HIS A 34 -1.30 11.64 21.35
N TRP A 35 -0.23 10.85 21.23
CA TRP A 35 -0.17 9.76 20.27
C TRP A 35 0.02 8.41 20.97
N TYR A 36 -0.55 7.37 20.37
CA TYR A 36 -0.53 6.03 20.96
C TYR A 36 -0.28 4.98 19.88
N GLN A 37 0.37 3.90 20.29
CA GLN A 37 0.63 2.74 19.46
C GLN A 37 -0.19 1.57 19.99
N GLN A 38 -0.66 0.71 19.09
CA GLN A 38 -1.39 -0.49 19.51
C GLN A 38 -0.97 -1.67 18.66
N ARG A 39 -0.44 -2.71 19.31
CA ARG A 39 -0.11 -3.97 18.66
C ARG A 39 -1.20 -5.01 18.90
N THR A 40 -1.01 -6.19 18.31
CA THR A 40 -2.05 -7.23 18.36
C THR A 40 -2.30 -7.68 19.80
N ASN A 41 -3.56 -7.64 20.20
CA ASN A 41 -4.02 -7.99 21.54
C ASN A 41 -3.44 -7.09 22.63
N GLY A 42 -3.05 -5.86 22.29
CA GLY A 42 -2.44 -4.97 23.24
C GLY A 42 -3.36 -3.84 23.64
N SER A 43 -2.97 -3.16 24.66
CA SER A 43 -3.57 -1.90 25.05
C SER A 43 -2.77 -0.76 24.43
N PRO A 44 -3.38 0.40 24.24
CA PRO A 44 -2.64 1.53 23.66
C PRO A 44 -1.40 1.86 24.48
N ARG A 45 -0.32 2.19 23.77
CA ARG A 45 0.95 2.54 24.40
C ARG A 45 1.26 4.00 24.05
N LEU A 46 1.32 4.84 25.10
CA LEU A 46 1.54 6.27 24.96
C LEU A 46 2.92 6.56 24.39
N LEU A 47 2.97 7.25 23.25
CA LEU A 47 4.21 7.51 22.51
C LEU A 47 4.73 8.92 22.69
N ILE A 48 3.83 9.89 22.63
CA ILE A 48 4.18 11.31 22.64
C ILE A 48 3.05 12.01 23.38
N LYS A 49 3.38 13.03 24.16
CA LYS A 49 2.35 13.87 24.77
C LYS A 49 2.57 15.33 24.41
N TYR A 50 1.46 16.06 24.31
CA TYR A 50 1.49 17.49 23.98
C TYR A 50 2.28 17.72 22.69
N ALA A 51 1.90 16.97 21.66
CA ALA A 51 2.39 17.13 20.30
C ALA A 51 3.83 16.70 20.10
N SER A 52 4.72 16.97 21.08
CA SER A 52 6.15 16.81 20.83
C SER A 52 6.99 16.33 22.01
N GLU A 53 6.42 16.11 23.19
CA GLU A 53 7.22 15.81 24.38
C GLU A 53 7.48 14.30 24.51
N SER A 54 8.69 13.96 24.92
CA SER A 54 9.14 12.57 25.05
C SER A 54 8.38 11.83 26.15
N ILE A 55 8.28 10.52 25.96
CA ILE A 55 7.74 9.62 26.97
C ILE A 55 8.86 8.69 27.40
N SER A 56 8.92 8.41 28.71
CA SER A 56 9.93 7.50 29.23
C SER A 56 9.75 6.10 28.66
N GLY A 57 10.87 5.47 28.28
CA GLY A 57 10.85 4.14 27.71
C GLY A 57 10.53 4.06 26.23
N ILE A 58 10.26 5.17 25.57
CA ILE A 58 9.85 5.17 24.17
C ILE A 58 11.10 5.45 23.32
N PRO A 59 11.40 4.61 22.33
CA PRO A 59 12.61 4.83 21.53
C PRO A 59 12.66 6.21 20.91
N SER A 60 13.88 6.71 20.70
CA SER A 60 14.05 8.07 20.21
C SER A 60 13.72 8.22 18.74
N ARG A 61 13.47 7.13 18.01
CA ARG A 61 13.06 7.29 16.62
C ARG A 61 11.66 7.88 16.51
N PHE A 62 10.90 7.89 17.60
CA PHE A 62 9.56 8.47 17.63
C PHE A 62 9.64 9.94 18.00
N SER A 63 9.03 10.80 17.19
CA SER A 63 8.90 12.22 17.50
C SER A 63 7.56 12.70 16.96
N GLY A 64 7.16 13.90 17.40
CA GLY A 64 5.94 14.52 16.93
C GLY A 64 6.13 16.01 16.78
N SER A 65 5.29 16.62 15.94
CA SER A 65 5.33 18.05 15.73
C SER A 65 3.92 18.56 15.43
N GLY A 66 3.81 19.87 15.22
CA GLY A 66 2.56 20.48 14.83
C GLY A 66 1.94 21.31 15.96
N SER A 67 0.95 22.10 15.56
CA SER A 67 0.18 22.96 16.45
C SER A 67 -0.98 23.51 15.63
N GLY A 68 -2.03 23.95 16.33
CA GLY A 68 -3.22 24.39 15.64
C GLY A 68 -4.12 23.23 15.29
N THR A 69 -4.14 22.85 14.01
CA THR A 69 -5.02 21.80 13.55
C THR A 69 -4.28 20.63 12.89
N ASP A 70 -3.00 20.79 12.54
CA ASP A 70 -2.29 19.85 11.68
C ASP A 70 -1.10 19.27 12.44
N PHE A 71 -1.16 17.97 12.78
CA PHE A 71 -0.17 17.33 13.64
C PHE A 71 0.48 16.12 12.95
N THR A 72 1.71 15.83 13.33
CA THR A 72 2.48 14.79 12.67
C THR A 72 3.24 13.95 13.67
N LEU A 73 2.98 12.63 13.67
CA LEU A 73 3.84 11.65 14.32
C LEU A 73 4.83 11.13 13.31
N SER A 74 6.11 11.11 13.67
CA SER A 74 7.16 10.71 12.76
C SER A 74 8.00 9.59 13.37
N ILE A 75 8.42 8.65 12.50
CA ILE A 75 9.44 7.65 12.84
C ILE A 75 10.56 7.81 11.84
N ASN A 76 11.73 8.26 12.29
CA ASN A 76 12.75 8.65 11.32
C ASN A 76 13.37 7.45 10.58
N SER A 77 13.45 6.29 11.23
CA SER A 77 13.93 5.07 10.55
C SER A 77 13.18 3.87 11.10
N VAL A 78 12.34 3.26 10.25
CA VAL A 78 11.34 2.32 10.72
C VAL A 78 11.99 0.99 11.05
N GLU A 79 11.55 0.38 12.16
CA GLU A 79 11.98 -0.95 12.58
C GLU A 79 10.83 -1.93 12.36
N SER A 80 11.20 -3.18 12.07
CA SER A 80 10.20 -4.23 11.90
C SER A 80 9.22 -4.30 13.06
N GLU A 81 9.67 -3.99 14.26
CA GLU A 81 8.81 -4.04 15.44
C GLU A 81 7.82 -2.89 15.52
N ASP A 82 7.87 -1.93 14.59
CA ASP A 82 6.92 -0.83 14.59
C ASP A 82 5.60 -1.19 13.95
N ILE A 83 5.45 -2.41 13.43
CA ILE A 83 4.18 -2.92 12.91
C ILE A 83 3.11 -2.70 13.96
N ALA A 84 2.12 -1.84 13.67
CA ALA A 84 1.10 -1.50 14.66
C ALA A 84 0.05 -0.54 14.09
N ASP A 85 -0.95 -0.23 14.89
CA ASP A 85 -1.86 0.87 14.62
C ASP A 85 -1.48 2.08 15.47
N TYR A 86 -1.73 3.26 14.94
CA TYR A 86 -1.35 4.48 15.60
C TYR A 86 -2.56 5.40 15.68
N TYR A 87 -2.74 6.03 16.84
CA TYR A 87 -3.88 6.88 17.11
C TYR A 87 -3.42 8.21 17.71
N CYS A 88 -4.16 9.25 17.41
CA CYS A 88 -3.99 10.54 18.08
C CYS A 88 -5.16 10.80 19.00
N GLN A 89 -4.95 11.71 19.96
CA GLN A 89 -5.92 12.05 20.98
C GLN A 89 -5.79 13.54 21.22
N GLN A 90 -6.92 14.27 21.28
CA GLN A 90 -6.90 15.68 21.66
C GLN A 90 -7.51 15.87 23.03
N ASN A 91 -6.99 16.85 23.78
CA ASN A 91 -7.61 17.20 25.04
C ASN A 91 -7.61 18.71 25.30
N ASN A 92 -7.71 19.51 24.25
CA ASN A 92 -7.94 20.94 24.45
C ASN A 92 -9.40 21.22 24.80
N ASN A 93 -10.31 20.35 24.35
CA ASN A 93 -11.74 20.57 24.51
CA ASN A 93 -11.74 20.57 24.53
C ASN A 93 -12.37 19.29 25.05
N TRP A 94 -13.20 19.42 26.07
CA TRP A 94 -13.90 18.31 26.69
C TRP A 94 -15.05 17.85 25.80
N PRO A 95 -15.23 16.53 25.62
CA PRO A 95 -14.44 15.45 26.23
C PRO A 95 -13.23 15.11 25.38
N THR A 96 -12.20 14.47 25.95
CA THR A 96 -11.08 14.06 25.12
C THR A 96 -11.57 13.08 24.06
N THR A 97 -11.08 13.24 22.83
CA THR A 97 -11.48 12.35 21.74
C THR A 97 -10.25 11.83 21.02
N PHE A 98 -10.45 10.71 20.32
CA PHE A 98 -9.40 10.04 19.58
C PHE A 98 -9.75 10.03 18.10
N GLY A 99 -8.72 9.98 17.27
CA GLY A 99 -8.91 9.73 15.85
C GLY A 99 -9.07 8.25 15.59
N ALA A 100 -9.29 7.93 14.32
CA ALA A 100 -9.65 6.57 13.96
C ALA A 100 -8.44 5.69 13.65
N GLY A 101 -7.24 6.24 13.67
CA GLY A 101 -6.09 5.35 13.52
C GLY A 101 -5.59 5.23 12.11
N THR A 102 -4.27 5.09 12.00
CA THR A 102 -3.58 4.70 10.77
C THR A 102 -2.86 3.37 11.00
N LYS A 103 -2.97 2.46 10.04
N LYS A 103 -2.97 2.46 10.04
CA LYS A 103 -2.25 1.20 10.05
CA LYS A 103 -2.25 1.20 10.07
C LYS A 103 -0.87 1.37 9.43
C LYS A 103 -0.88 1.36 9.43
N LEU A 104 0.14 0.80 10.07
CA LEU A 104 1.50 0.79 9.54
C LEU A 104 1.87 -0.63 9.10
N GLU A 105 2.15 -0.80 7.81
CA GLU A 105 2.54 -2.06 7.23
C GLU A 105 3.98 -1.94 6.72
N LEU A 106 4.70 -3.07 6.74
CA LEU A 106 6.08 -3.08 6.33
C LEU A 106 6.25 -3.89 5.05
N LYS A 107 7.05 -3.35 4.13
CA LYS A 107 7.44 -4.08 2.93
C LYS A 107 8.68 -4.91 3.23
N ARG A 108 8.82 -6.01 2.50
CA ARG A 108 10.01 -6.83 2.58
C ARG A 108 10.09 -7.65 1.30
N THR A 109 11.18 -8.41 1.17
CA THR A 109 11.32 -9.30 0.03
C THR A 109 10.27 -10.39 0.06
N VAL A 110 10.05 -10.99 -1.12
CA VAL A 110 9.14 -12.11 -1.25
C VAL A 110 9.68 -13.31 -0.50
N ALA A 111 8.79 -13.99 0.22
CA ALA A 111 9.10 -15.24 0.91
C ALA A 111 7.98 -16.23 0.60
N ALA A 112 8.34 -17.36 0.01
CA ALA A 112 7.35 -18.39 -0.26
C ALA A 112 6.94 -19.05 1.05
N PRO A 113 5.70 -19.52 1.16
CA PRO A 113 5.27 -20.22 2.38
C PRO A 113 5.87 -21.61 2.46
N SER A 114 6.05 -22.07 3.71
CA SER A 114 6.17 -23.49 4.01
C SER A 114 4.78 -24.03 4.30
N VAL A 115 4.38 -25.07 3.58
CA VAL A 115 3.01 -25.57 3.64
C VAL A 115 2.98 -26.90 4.38
N PHE A 116 2.02 -27.04 5.27
CA PHE A 116 1.79 -28.26 6.04
C PHE A 116 0.29 -28.56 6.03
N ILE A 117 -0.04 -29.85 6.00
CA ILE A 117 -1.43 -30.30 6.09
C ILE A 117 -1.61 -31.19 7.30
N PHE A 118 -2.74 -31.04 7.98
CA PHE A 118 -3.06 -31.86 9.15
C PHE A 118 -4.40 -32.58 8.95
N PRO A 119 -4.42 -33.91 8.94
CA PRO A 119 -5.71 -34.62 8.96
C PRO A 119 -6.47 -34.31 10.23
N PRO A 120 -7.74 -34.66 10.31
CA PRO A 120 -8.48 -34.55 11.57
C PRO A 120 -8.02 -35.61 12.57
N SER A 121 -8.02 -35.24 13.84
CA SER A 121 -7.68 -36.19 14.89
C SER A 121 -8.77 -37.25 15.00
N ASP A 122 -8.37 -38.48 15.31
CA ASP A 122 -9.34 -39.49 15.71
C ASP A 122 -10.20 -38.97 16.84
N GLU A 123 -9.63 -38.09 17.68
CA GLU A 123 -10.38 -37.49 18.78
C GLU A 123 -11.56 -36.67 18.27
N GLN A 124 -11.32 -35.84 17.25
CA GLN A 124 -12.41 -35.03 16.72
C GLN A 124 -13.46 -35.89 16.05
N LEU A 125 -13.04 -36.95 15.35
CA LEU A 125 -14.00 -37.75 14.60
C LEU A 125 -15.09 -38.33 15.51
N LYS A 126 -14.76 -38.63 16.77
CA LYS A 126 -15.75 -39.11 17.73
C LYS A 126 -16.93 -38.14 17.89
N SER A 127 -16.74 -36.86 17.61
CA SER A 127 -17.82 -35.87 17.70
C SER A 127 -18.71 -35.84 16.45
N GLY A 128 -18.31 -36.51 15.37
CA GLY A 128 -19.08 -36.47 14.15
C GLY A 128 -18.75 -35.34 13.21
N THR A 129 -17.57 -34.75 13.33
CA THR A 129 -17.14 -33.67 12.47
C THR A 129 -15.65 -33.84 12.20
N ALA A 130 -15.25 -33.56 10.96
CA ALA A 130 -13.86 -33.60 10.55
C ALA A 130 -13.35 -32.20 10.21
N SER A 131 -12.23 -31.80 10.81
CA SER A 131 -11.55 -30.59 10.41
C SER A 131 -10.23 -30.97 9.75
N VAL A 132 -9.99 -30.45 8.56
CA VAL A 132 -8.72 -30.60 7.87
C VAL A 132 -8.06 -29.23 7.82
N VAL A 133 -6.83 -29.14 8.29
CA VAL A 133 -6.17 -27.84 8.41
C VAL A 133 -4.99 -27.80 7.48
N CYS A 134 -4.84 -26.68 6.78
CA CYS A 134 -3.70 -26.43 5.93
C CYS A 134 -3.02 -25.15 6.40
N LEU A 135 -1.72 -25.24 6.68
CA LEU A 135 -0.93 -24.14 7.22
C LEU A 135 0.03 -23.64 6.16
N LEU A 136 0.04 -22.33 5.95
CA LEU A 136 1.04 -21.65 5.13
C LEU A 136 1.85 -20.78 6.08
N ASN A 137 3.14 -21.09 6.22
CA ASN A 137 3.93 -20.51 7.30
C ASN A 137 4.99 -19.55 6.76
N ASN A 138 5.00 -18.33 7.31
CA ASN A 138 6.07 -17.34 7.15
C ASN A 138 6.30 -16.96 5.69
N PHE A 139 5.28 -16.34 5.09
CA PHE A 139 5.36 -15.90 3.69
C PHE A 139 5.11 -14.40 3.58
N TYR A 140 5.43 -13.87 2.39
CA TYR A 140 5.19 -12.47 2.03
C TYR A 140 5.24 -12.39 0.50
N PRO A 141 4.31 -11.66 -0.12
CA PRO A 141 3.25 -10.82 0.49
C PRO A 141 2.04 -11.59 0.96
N ARG A 142 1.07 -10.87 1.51
CA ARG A 142 -0.09 -11.50 2.14
C ARG A 142 -0.86 -12.38 1.15
N GLU A 143 -1.03 -11.92 -0.08
CA GLU A 143 -1.92 -12.58 -1.04
C GLU A 143 -1.51 -14.03 -1.30
N ALA A 144 -2.45 -14.95 -1.09
CA ALA A 144 -2.23 -16.38 -1.27
C ALA A 144 -3.55 -17.06 -1.65
N LYS A 145 -3.46 -18.14 -2.43
CA LYS A 145 -4.62 -18.94 -2.85
C LYS A 145 -4.49 -20.34 -2.29
N VAL A 146 -5.54 -20.81 -1.61
CA VAL A 146 -5.61 -22.17 -1.09
C VAL A 146 -6.79 -22.85 -1.75
N GLN A 147 -6.53 -23.94 -2.46
CA GLN A 147 -7.57 -24.70 -3.13
C GLN A 147 -7.64 -26.11 -2.57
N TRP A 148 -8.82 -26.49 -2.13
CA TRP A 148 -9.07 -27.79 -1.54
C TRP A 148 -9.70 -28.74 -2.56
N LYS A 149 -9.17 -29.96 -2.61
CA LYS A 149 -9.70 -31.00 -3.46
C LYS A 149 -9.86 -32.28 -2.64
N VAL A 150 -11.02 -32.91 -2.76
CA VAL A 150 -11.30 -34.18 -2.11
C VAL A 150 -11.63 -35.18 -3.22
N ASP A 151 -10.80 -36.21 -3.35
CA ASP A 151 -10.91 -37.17 -4.46
C ASP A 151 -11.07 -36.44 -5.80
N ASN A 152 -10.23 -35.45 -6.03
CA ASN A 152 -10.23 -34.62 -7.23
C ASN A 152 -11.44 -33.69 -7.36
N ALA A 153 -12.36 -33.64 -6.38
CA ALA A 153 -13.46 -32.69 -6.44
C ALA A 153 -13.03 -31.36 -5.82
N LEU A 154 -13.16 -30.29 -6.59
CA LEU A 154 -12.90 -28.95 -6.05
C LEU A 154 -13.87 -28.66 -4.91
N GLN A 155 -13.34 -28.18 -3.79
CA GLN A 155 -14.18 -27.83 -2.65
C GLN A 155 -14.44 -26.33 -2.68
N SER A 156 -15.69 -25.95 -2.44
CA SER A 156 -16.03 -24.54 -2.47
C SER A 156 -17.05 -24.24 -1.40
N GLY A 157 -16.81 -23.17 -0.65
CA GLY A 157 -17.71 -22.73 0.39
C GLY A 157 -17.57 -23.41 1.73
N ASN A 158 -16.81 -24.50 1.84
CA ASN A 158 -16.70 -25.22 3.10
C ASN A 158 -15.30 -25.12 3.70
N SER A 159 -14.64 -23.98 3.51
CA SER A 159 -13.36 -23.71 4.14
C SER A 159 -13.33 -22.27 4.65
N GLN A 160 -12.60 -22.05 5.74
CA GLN A 160 -12.39 -20.71 6.29
C GLN A 160 -10.90 -20.47 6.49
N GLU A 161 -10.48 -19.23 6.25
CA GLU A 161 -9.09 -18.81 6.33
C GLU A 161 -8.89 -17.83 7.48
N SER A 162 -7.70 -17.86 8.05
CA SER A 162 -7.31 -16.92 9.09
C SER A 162 -5.85 -16.56 8.90
N VAL A 163 -5.55 -15.26 8.92
CA VAL A 163 -4.22 -14.72 8.68
C VAL A 163 -3.74 -13.97 9.90
N THR A 164 -2.49 -14.18 10.29
CA THR A 164 -1.90 -13.41 11.38
C THR A 164 -1.51 -12.01 10.90
N GLU A 165 -1.26 -11.12 11.87
CA GLU A 165 -0.64 -9.85 11.52
C GLU A 165 0.83 -10.08 11.21
N GLN A 166 1.46 -9.08 10.60
CA GLN A 166 2.87 -9.23 10.23
C GLN A 166 3.73 -9.49 11.46
N ASP A 167 4.68 -10.41 11.32
CA ASP A 167 5.55 -10.74 12.43
C ASP A 167 6.45 -9.56 12.77
N SER A 168 6.58 -9.28 14.06
CA SER A 168 7.36 -8.13 14.51
C SER A 168 8.86 -8.27 14.22
N LYS A 169 9.34 -9.47 13.90
CA LYS A 169 10.77 -9.67 13.66
C LYS A 169 11.11 -9.85 12.18
N ASP A 170 10.41 -10.72 11.45
CA ASP A 170 10.71 -10.97 10.04
C ASP A 170 9.66 -10.42 9.08
N SER A 171 8.59 -9.80 9.59
CA SER A 171 7.60 -9.12 8.75
C SER A 171 6.83 -10.08 7.84
N THR A 172 6.78 -11.37 8.18
CA THR A 172 6.01 -12.31 7.36
C THR A 172 4.61 -12.49 7.93
N TYR A 173 3.79 -13.16 7.13
CA TYR A 173 2.48 -13.62 7.53
C TYR A 173 2.48 -15.13 7.65
N SER A 174 1.51 -15.64 8.39
CA SER A 174 1.16 -17.04 8.34
C SER A 174 -0.34 -17.14 8.20
N LEU A 175 -0.80 -18.22 7.55
CA LEU A 175 -2.20 -18.38 7.22
C LEU A 175 -2.61 -19.81 7.50
N SER A 176 -3.79 -19.98 8.11
CA SER A 176 -4.39 -21.29 8.26
C SER A 176 -5.64 -21.38 7.39
N SER A 177 -5.77 -22.47 6.64
CA SER A 177 -7.00 -22.80 5.91
C SER A 177 -7.62 -24.06 6.50
N THR A 178 -8.87 -23.96 6.93
CA THR A 178 -9.56 -25.06 7.60
C THR A 178 -10.74 -25.53 6.75
N LEU A 179 -10.70 -26.79 6.32
CA LEU A 179 -11.79 -27.42 5.58
C LEU A 179 -12.62 -28.26 6.54
N THR A 180 -13.91 -27.96 6.66
CA THR A 180 -14.82 -28.63 7.59
C THR A 180 -15.81 -29.52 6.85
N LEU A 181 -15.83 -30.80 7.21
CA LEU A 181 -16.72 -31.80 6.65
C LEU A 181 -17.46 -32.52 7.75
N SER A 182 -18.63 -33.04 7.40
CA SER A 182 -19.28 -34.02 8.26
C SER A 182 -18.43 -35.28 8.31
N LYS A 183 -18.52 -36.00 9.43
CA LYS A 183 -17.76 -37.24 9.53
C LYS A 183 -18.17 -38.23 8.45
N ALA A 184 -19.48 -38.36 8.21
CA ALA A 184 -19.95 -39.28 7.17
C ALA A 184 -19.28 -38.95 5.85
N ASP A 185 -19.31 -37.68 5.45
CA ASP A 185 -18.62 -37.25 4.24
C ASP A 185 -17.13 -37.61 4.31
N TYR A 186 -16.47 -37.29 5.42
CA TYR A 186 -15.03 -37.53 5.50
C TYR A 186 -14.71 -39.01 5.30
N GLU A 187 -15.55 -39.89 5.84
CA GLU A 187 -15.30 -41.33 5.71
C GLU A 187 -15.59 -41.86 4.31
N LYS A 188 -16.41 -41.16 3.52
CA LYS A 188 -16.71 -41.61 2.16
C LYS A 188 -15.59 -41.33 1.17
N HIS A 189 -14.51 -40.68 1.58
CA HIS A 189 -13.50 -40.23 0.64
C HIS A 189 -12.11 -40.55 1.16
N LYS A 190 -11.10 -40.35 0.29
CA LYS A 190 -9.76 -40.86 0.59
C LYS A 190 -8.65 -39.81 0.50
N VAL A 191 -8.54 -39.11 -0.64
CA VAL A 191 -7.41 -38.24 -0.94
C VAL A 191 -7.81 -36.79 -0.62
N TYR A 192 -7.09 -36.19 0.33
CA TYR A 192 -7.37 -34.84 0.80
C TYR A 192 -6.17 -33.96 0.47
N ALA A 193 -6.38 -32.91 -0.31
CA ALA A 193 -5.27 -32.16 -0.86
C ALA A 193 -5.49 -30.66 -0.68
N CYS A 194 -4.45 -30.00 -0.19
CA CYS A 194 -4.37 -28.56 -0.11
C CYS A 194 -3.34 -28.09 -1.13
N GLU A 195 -3.75 -27.24 -2.06
CA GLU A 195 -2.87 -26.69 -3.08
C GLU A 195 -2.70 -25.18 -2.87
N VAL A 196 -1.45 -24.74 -2.83
CA VAL A 196 -1.11 -23.37 -2.45
C VAL A 196 -0.49 -22.66 -3.64
N THR A 197 -1.00 -21.49 -3.95
CA THR A 197 -0.46 -20.63 -4.99
C THR A 197 0.08 -19.36 -4.35
N HIS A 198 1.30 -18.98 -4.70
CA HIS A 198 1.89 -17.80 -4.10
C HIS A 198 2.98 -17.26 -5.01
N GLN A 199 3.10 -15.94 -5.02
CA GLN A 199 4.12 -15.25 -5.82
C GLN A 199 5.52 -15.83 -5.62
N GLY A 200 5.84 -16.30 -4.40
CA GLY A 200 7.17 -16.81 -4.16
C GLY A 200 7.44 -18.22 -4.61
N LEU A 201 6.45 -18.92 -5.16
CA LEU A 201 6.61 -20.29 -5.62
C LEU A 201 6.57 -20.31 -7.14
N SER A 202 7.45 -21.11 -7.75
CA SER A 202 7.49 -21.13 -9.20
C SER A 202 6.36 -21.98 -9.80
N SER A 203 5.70 -22.80 -8.99
CA SER A 203 4.47 -23.46 -9.37
C SER A 203 3.77 -23.93 -8.11
N PRO A 204 2.45 -24.10 -8.13
CA PRO A 204 1.72 -24.36 -6.89
C PRO A 204 2.21 -25.59 -6.17
N VAL A 205 2.15 -25.52 -4.84
CA VAL A 205 2.56 -26.60 -3.96
C VAL A 205 1.32 -27.33 -3.47
N THR A 206 1.35 -28.65 -3.57
CA THR A 206 0.27 -29.50 -3.06
C THR A 206 0.79 -30.31 -1.89
N LYS A 207 0.06 -30.29 -0.78
CA LYS A 207 0.29 -31.21 0.33
C LYS A 207 -0.96 -32.04 0.47
N SER A 208 -0.80 -33.36 0.55
CA SER A 208 -1.97 -34.21 0.64
C SER A 208 -1.67 -35.42 1.51
N PHE A 209 -2.75 -36.07 1.94
CA PHE A 209 -2.67 -37.32 2.66
C PHE A 209 -3.80 -38.21 2.18
N ASN A 210 -3.63 -39.52 2.36
CA ASN A 210 -4.70 -40.48 2.16
C ASN A 210 -5.29 -40.82 3.53
N ARG A 211 -6.61 -40.74 3.65
CA ARG A 211 -7.26 -41.07 4.91
C ARG A 211 -6.87 -42.47 5.35
N GLY A 212 -6.33 -42.59 6.57
CA GLY A 212 -5.64 -43.80 6.98
C GLY A 212 -4.15 -43.64 6.79
N ALA A 213 -3.63 -44.11 5.65
CA ALA A 213 -2.29 -43.77 5.17
C ALA A 213 -2.09 -44.34 3.76
N GLN B 1 6.15 -1.58 40.04
CA GLN B 1 5.80 -0.49 39.13
C GLN B 1 4.27 -0.28 39.04
N VAL B 2 3.83 0.77 38.35
CA VAL B 2 2.40 1.05 38.20
C VAL B 2 1.75 -0.03 37.35
N GLN B 3 0.64 -0.60 37.84
CA GLN B 3 -0.12 -1.58 37.08
C GLN B 3 -1.61 -1.41 37.32
N LEU B 4 -2.39 -1.77 36.30
CA LEU B 4 -3.84 -1.89 36.43
C LEU B 4 -4.24 -3.24 35.85
N LYS B 5 -5.04 -4.00 36.61
CA LYS B 5 -5.45 -5.34 36.21
C LYS B 5 -6.95 -5.46 36.37
N GLN B 6 -7.62 -5.81 35.27
CA GLN B 6 -9.07 -5.83 35.20
C GLN B 6 -9.59 -7.25 35.37
N SER B 7 -10.89 -7.34 35.67
CA SER B 7 -11.53 -8.64 35.76
C SER B 7 -11.77 -9.21 34.36
N GLY B 8 -12.01 -10.52 34.34
CA GLY B 8 -12.06 -11.28 33.11
C GLY B 8 -13.19 -10.91 32.16
N PRO B 9 -13.07 -11.35 30.93
CA PRO B 9 -14.02 -10.95 29.89
C PRO B 9 -15.28 -11.80 29.95
N GLY B 10 -16.27 -11.39 29.19
CA GLY B 10 -17.39 -12.30 29.07
C GLY B 10 -18.67 -11.63 28.60
N LEU B 11 -19.76 -12.28 28.97
CA LEU B 11 -21.04 -12.14 28.32
C LEU B 11 -21.90 -11.21 29.16
N VAL B 12 -22.60 -10.29 28.49
CA VAL B 12 -23.70 -9.55 29.10
C VAL B 12 -24.92 -9.76 28.23
N GLN B 13 -26.06 -9.98 28.85
CA GLN B 13 -27.26 -10.16 28.06
C GLN B 13 -27.84 -8.82 27.62
N PRO B 14 -28.52 -8.80 26.46
CA PRO B 14 -29.20 -7.58 26.03
C PRO B 14 -30.06 -7.00 27.13
N SER B 15 -29.92 -5.70 27.35
CA SER B 15 -30.61 -4.88 28.34
C SER B 15 -30.06 -5.04 29.75
N GLN B 16 -29.04 -5.87 29.98
CA GLN B 16 -28.53 -6.05 31.32
C GLN B 16 -27.28 -5.19 31.54
N SER B 17 -26.73 -5.28 32.75
CA SER B 17 -25.69 -4.37 33.20
C SER B 17 -24.32 -5.03 33.15
N LEU B 18 -23.30 -4.18 33.00
CA LEU B 18 -21.92 -4.59 32.84
C LEU B 18 -21.12 -4.17 34.06
N SER B 19 -20.32 -5.09 34.61
CA SER B 19 -19.51 -4.81 35.79
C SER B 19 -18.08 -5.25 35.54
N ILE B 20 -17.13 -4.33 35.75
CA ILE B 20 -15.71 -4.61 35.67
C ILE B 20 -15.05 -4.01 36.89
N THR B 21 -14.08 -4.74 37.44
CA THR B 21 -13.25 -4.26 38.54
C THR B 21 -11.85 -4.04 38.03
N CYS B 22 -11.30 -2.86 38.34
CA CYS B 22 -9.91 -2.50 38.04
C CYS B 22 -9.17 -2.44 39.36
N THR B 23 -8.19 -3.33 39.53
CA THR B 23 -7.33 -3.35 40.70
C THR B 23 -5.98 -2.76 40.32
N VAL B 24 -5.52 -1.76 41.07
CA VAL B 24 -4.26 -1.08 40.77
C VAL B 24 -3.23 -1.42 41.84
N SER B 25 -1.96 -1.25 41.46
CA SER B 25 -0.86 -1.30 42.41
C SER B 25 0.22 -0.33 41.94
N GLY B 26 1.23 -0.13 42.79
CA GLY B 26 2.29 0.81 42.50
C GLY B 26 1.89 2.27 42.65
N PHE B 27 0.66 2.55 43.02
CA PHE B 27 0.23 3.90 43.35
C PHE B 27 -1.06 3.78 44.14
N SER B 28 -1.53 4.92 44.65
CA SER B 28 -2.68 4.97 45.52
C SER B 28 -3.83 5.69 44.82
N LEU B 29 -5.02 5.08 44.88
CA LEU B 29 -6.21 5.72 44.37
C LEU B 29 -6.49 7.05 45.05
N THR B 30 -5.83 7.36 46.18
CA THR B 30 -6.03 8.66 46.80
C THR B 30 -5.20 9.75 46.15
N ASN B 31 -4.23 9.41 45.29
CA ASN B 31 -3.42 10.41 44.61
C ASN B 31 -3.64 10.48 43.11
N TYR B 32 -4.43 9.58 42.53
CA TYR B 32 -4.61 9.56 41.08
C TYR B 32 -6.06 9.22 40.74
N GLY B 33 -6.55 9.85 39.68
CA GLY B 33 -7.81 9.43 39.10
C GLY B 33 -7.63 8.22 38.19
N VAL B 34 -8.72 7.48 38.03
CA VAL B 34 -8.75 6.33 37.13
C VAL B 34 -9.82 6.58 36.08
N HIS B 35 -9.44 6.45 34.81
CA HIS B 35 -10.33 6.67 33.68
C HIS B 35 -10.80 5.35 33.10
N TRP B 36 -11.90 5.41 32.37
CA TRP B 36 -12.41 4.29 31.60
C TRP B 36 -12.55 4.70 30.15
N VAL B 37 -12.01 3.85 29.27
CA VAL B 37 -12.06 3.99 27.83
C VAL B 37 -12.54 2.68 27.24
N ARG B 38 -13.31 2.73 26.17
CA ARG B 38 -13.63 1.52 25.45
C ARG B 38 -13.19 1.67 24.00
N GLN B 39 -13.18 0.54 23.30
CA GLN B 39 -12.75 0.47 21.91
C GLN B 39 -13.68 -0.51 21.21
N SER B 40 -14.47 -0.02 20.26
CA SER B 40 -15.55 -0.79 19.64
C SER B 40 -15.44 -0.71 18.12
N PRO B 41 -16.03 -1.66 17.40
CA PRO B 41 -15.99 -1.59 15.93
C PRO B 41 -16.58 -0.30 15.37
N GLY B 42 -17.74 0.13 15.87
CA GLY B 42 -18.41 1.26 15.25
C GLY B 42 -17.90 2.63 15.65
N LYS B 43 -17.26 2.77 16.81
CA LYS B 43 -16.85 4.09 17.29
C LYS B 43 -15.37 4.20 17.63
N GLY B 44 -14.61 3.12 17.55
CA GLY B 44 -13.20 3.20 17.85
C GLY B 44 -12.94 3.46 19.32
N LEU B 45 -11.90 4.26 19.59
CA LEU B 45 -11.52 4.61 20.95
C LEU B 45 -12.43 5.72 21.48
N GLU B 46 -13.05 5.44 22.62
CA GLU B 46 -14.11 6.28 23.17
C GLU B 46 -13.85 6.45 24.66
N TRP B 47 -13.79 7.69 25.12
CA TRP B 47 -13.59 7.96 26.55
C TRP B 47 -14.94 8.00 27.25
N LEU B 48 -15.08 7.16 28.29
CA LEU B 48 -16.35 7.04 29.02
C LEU B 48 -16.44 7.91 30.26
N GLY B 49 -15.39 7.99 31.08
CA GLY B 49 -15.46 8.81 32.28
C GLY B 49 -14.27 8.54 33.18
N VAL B 50 -14.38 9.04 34.42
CA VAL B 50 -13.25 9.07 35.33
C VAL B 50 -13.78 9.16 36.76
N ILE B 51 -13.05 8.55 37.69
CA ILE B 51 -13.24 8.84 39.11
C ILE B 51 -11.94 9.41 39.65
N TRP B 52 -12.02 10.59 40.27
CA TRP B 52 -10.86 11.35 40.71
C TRP B 52 -10.41 10.94 42.10
N SER B 53 -9.18 11.35 42.45
CA SER B 53 -8.59 11.05 43.76
C SER B 53 -9.61 11.15 44.90
N GLY B 54 -10.32 12.27 44.98
CA GLY B 54 -11.23 12.51 46.09
C GLY B 54 -12.65 12.00 45.93
N GLY B 55 -12.94 11.15 44.94
CA GLY B 55 -14.24 10.55 44.82
C GLY B 55 -15.15 11.12 43.75
N ASN B 56 -14.83 12.26 43.15
CA ASN B 56 -15.72 12.86 42.16
C ASN B 56 -15.68 12.08 40.85
N THR B 57 -16.80 12.10 40.14
CA THR B 57 -16.92 11.43 38.85
C THR B 57 -17.32 12.41 37.75
N ASP B 58 -16.74 12.24 36.56
CA ASP B 58 -17.24 12.84 35.34
C ASP B 58 -17.59 11.72 34.38
N TYR B 59 -18.68 11.89 33.64
CA TYR B 59 -19.11 10.92 32.65
C TYR B 59 -19.24 11.62 31.32
N ASN B 60 -18.69 11.01 30.27
CA ASN B 60 -18.92 11.52 28.93
C ASN B 60 -20.42 11.59 28.65
N THR B 61 -20.81 12.59 27.86
CA THR B 61 -22.21 12.98 27.74
C THR B 61 -23.18 11.84 27.41
N PRO B 62 -22.93 10.97 26.43
CA PRO B 62 -23.93 9.92 26.13
C PRO B 62 -24.03 8.81 27.17
N PHE B 63 -23.35 8.95 28.31
CA PHE B 63 -23.36 7.91 29.32
C PHE B 63 -23.73 8.42 30.70
N THR B 64 -24.14 9.68 30.82
CA THR B 64 -24.37 10.27 32.13
C THR B 64 -25.43 9.52 32.93
N SER B 65 -26.38 8.87 32.26
CA SER B 65 -27.50 8.25 32.96
C SER B 65 -27.32 6.75 33.20
N ARG B 66 -26.52 6.05 32.40
CA ARG B 66 -26.39 4.61 32.58
C ARG B 66 -25.03 4.21 33.12
N LEU B 67 -24.18 5.15 33.50
CA LEU B 67 -22.83 4.83 33.92
C LEU B 67 -22.60 5.24 35.38
N SER B 68 -21.96 4.36 36.15
CA SER B 68 -21.55 4.73 37.51
C SER B 68 -20.18 4.15 37.80
N ILE B 69 -19.29 4.97 38.37
CA ILE B 69 -17.96 4.56 38.77
C ILE B 69 -17.82 4.80 40.27
N ASN B 70 -17.40 3.78 41.01
CA ASN B 70 -17.12 3.85 42.44
C ASN B 70 -15.77 3.21 42.70
N LYS B 71 -15.28 3.36 43.93
CA LYS B 71 -13.99 2.74 44.25
C LYS B 71 -13.86 2.51 45.75
N ASP B 72 -12.88 1.68 46.10
CA ASP B 72 -12.47 1.40 47.46
C ASP B 72 -10.97 1.69 47.51
N ASN B 73 -10.61 2.83 48.09
CA ASN B 73 -9.20 3.25 48.16
C ASN B 73 -8.35 2.23 48.89
N SER B 74 -8.84 1.74 50.03
CA SER B 74 -8.04 0.83 50.85
C SER B 74 -7.76 -0.47 50.12
N LYS B 75 -8.73 -0.97 49.35
CA LYS B 75 -8.54 -2.18 48.54
C LYS B 75 -7.97 -1.89 47.16
N SER B 76 -7.71 -0.61 46.84
CA SER B 76 -7.13 -0.22 45.56
C SER B 76 -7.95 -0.74 44.38
N GLN B 77 -9.28 -0.70 44.51
CA GLN B 77 -10.19 -1.20 43.49
C GLN B 77 -11.07 -0.09 42.98
N VAL B 78 -11.30 -0.08 41.66
CA VAL B 78 -12.24 0.81 41.02
C VAL B 78 -13.33 -0.03 40.37
N PHE B 79 -14.58 0.40 40.50
CA PHE B 79 -15.73 -0.39 40.05
C PHE B 79 -16.45 0.34 38.93
N PHE B 80 -16.49 -0.28 37.77
CA PHE B 80 -17.20 0.23 36.61
C PHE B 80 -18.52 -0.51 36.49
N LYS B 81 -19.60 0.23 36.29
CA LYS B 81 -20.91 -0.37 36.07
C LYS B 81 -21.67 0.45 35.03
N MET B 82 -22.17 -0.23 34.01
CA MET B 82 -22.95 0.42 32.96
C MET B 82 -24.22 -0.39 32.68
N ASN B 83 -25.34 0.31 32.54
CA ASN B 83 -26.66 -0.30 32.47
C ASN B 83 -27.13 -0.47 31.04
N SER B 84 -28.13 -1.35 30.89
CA SER B 84 -28.90 -1.54 29.67
C SER B 84 -28.01 -1.58 28.43
N LEU B 85 -27.24 -2.65 28.29
CA LEU B 85 -26.37 -2.79 27.12
C LEU B 85 -27.17 -3.27 25.92
N GLN B 86 -26.80 -2.75 24.76
CA GLN B 86 -27.26 -3.28 23.48
C GLN B 86 -26.03 -3.79 22.73
N SER B 87 -26.25 -4.38 21.56
CA SER B 87 -25.13 -5.08 20.93
C SER B 87 -24.03 -4.12 20.49
N ASN B 88 -24.36 -2.88 20.18
CA ASN B 88 -23.32 -1.93 19.82
C ASN B 88 -22.54 -1.41 21.04
N ASP B 89 -22.78 -1.97 22.24
CA ASP B 89 -21.93 -1.76 23.41
C ASP B 89 -20.88 -2.85 23.55
N THR B 90 -20.88 -3.82 22.64
CA THR B 90 -19.82 -4.80 22.57
C THR B 90 -18.50 -4.11 22.24
N ALA B 91 -17.51 -4.26 23.12
CA ALA B 91 -16.25 -3.55 22.95
C ALA B 91 -15.23 -4.11 23.92
N ILE B 92 -14.00 -3.66 23.75
CA ILE B 92 -12.99 -3.84 24.77
C ILE B 92 -13.02 -2.61 25.65
N TYR B 93 -13.15 -2.84 26.95
CA TYR B 93 -13.18 -1.79 27.95
C TYR B 93 -11.84 -1.76 28.69
N TYR B 94 -11.31 -0.57 28.89
CA TYR B 94 -10.07 -0.38 29.61
C TYR B 94 -10.27 0.59 30.76
N CYS B 95 -9.58 0.32 31.86
CA CYS B 95 -9.29 1.37 32.84
C CYS B 95 -7.90 1.89 32.54
N ALA B 96 -7.66 3.17 32.88
CA ALA B 96 -6.38 3.78 32.56
C ALA B 96 -6.05 4.86 33.58
N ARG B 97 -4.75 5.13 33.73
CA ARG B 97 -4.22 6.16 34.62
C ARG B 97 -3.34 7.11 33.82
N ALA B 98 -3.51 8.41 34.09
CA ALA B 98 -2.72 9.43 33.42
C ALA B 98 -1.34 9.56 34.06
N LEU B 99 -0.47 10.35 33.42
CA LEU B 99 0.85 10.62 33.97
C LEU B 99 0.79 11.50 35.21
N THR B 100 -0.03 12.55 35.19
CA THR B 100 -0.19 13.45 36.32
C THR B 100 -1.62 13.31 36.82
N TYR B 101 -1.83 13.69 38.08
CA TYR B 101 -3.07 13.33 38.77
C TYR B 101 -4.32 13.95 38.12
N TYR B 102 -4.17 15.09 37.44
CA TYR B 102 -5.32 15.85 36.97
C TYR B 102 -5.56 15.74 35.48
N ASP B 103 -4.72 15.00 34.77
CA ASP B 103 -4.58 15.13 33.33
C ASP B 103 -5.14 13.89 32.61
N TYR B 104 -4.87 13.82 31.31
CA TYR B 104 -5.49 12.84 30.44
C TYR B 104 -4.48 12.22 29.48
N GLU B 105 -3.18 12.36 29.70
CA GLU B 105 -2.21 11.64 28.91
C GLU B 105 -2.06 10.25 29.55
N PHE B 106 -2.60 9.23 28.89
CA PHE B 106 -2.83 7.92 29.50
C PHE B 106 -1.62 7.02 29.32
N ALA B 107 -0.71 7.08 30.30
CA ALA B 107 0.54 6.32 30.26
C ALA B 107 0.39 4.88 30.73
N TYR B 108 -0.69 4.53 31.42
CA TYR B 108 -0.81 3.20 32.00
C TYR B 108 -2.20 2.66 31.73
N TRP B 109 -2.26 1.46 31.15
CA TRP B 109 -3.53 0.85 30.77
C TRP B 109 -3.73 -0.52 31.43
N GLY B 110 -4.97 -0.81 31.78
CA GLY B 110 -5.36 -2.19 32.02
C GLY B 110 -5.21 -3.03 30.75
N GLN B 111 -5.28 -4.35 30.93
CA GLN B 111 -5.11 -5.24 29.79
C GLN B 111 -6.36 -5.32 28.92
N GLY B 112 -7.48 -4.77 29.38
CA GLY B 112 -8.71 -4.74 28.62
C GLY B 112 -9.64 -5.88 28.99
N THR B 113 -10.94 -5.66 28.77
CA THR B 113 -11.96 -6.68 29.04
C THR B 113 -12.92 -6.68 27.86
N LEU B 114 -12.89 -7.76 27.07
CA LEU B 114 -13.79 -7.89 25.92
C LEU B 114 -15.18 -8.25 26.40
N VAL B 115 -16.14 -7.42 26.08
CA VAL B 115 -17.52 -7.58 26.51
C VAL B 115 -18.35 -7.87 25.27
N THR B 116 -19.01 -9.02 25.26
CA THR B 116 -19.92 -9.41 24.19
C THR B 116 -21.34 -9.28 24.71
N VAL B 117 -22.16 -8.49 24.02
CA VAL B 117 -23.57 -8.35 24.38
C VAL B 117 -24.33 -9.34 23.53
N SER B 118 -24.92 -10.35 24.15
CA SER B 118 -25.56 -11.41 23.38
C SER B 118 -26.53 -12.19 24.26
N ALA B 119 -27.58 -12.70 23.61
CA ALA B 119 -28.52 -13.58 24.31
C ALA B 119 -28.03 -15.02 24.34
N ALA B 120 -27.01 -15.36 23.56
CA ALA B 120 -26.60 -16.75 23.43
C ALA B 120 -25.97 -17.25 24.72
N SER B 121 -25.60 -18.52 24.73
CA SER B 121 -25.07 -19.14 25.93
C SER B 121 -23.57 -19.33 25.83
N THR B 122 -22.92 -19.22 26.98
CA THR B 122 -21.51 -19.57 27.10
C THR B 122 -21.30 -21.03 26.70
N LYS B 123 -20.19 -21.29 26.01
CA LYS B 123 -19.83 -22.67 25.68
C LYS B 123 -18.32 -22.79 25.60
N GLY B 124 -17.76 -23.75 26.33
CA GLY B 124 -16.34 -23.97 26.31
C GLY B 124 -15.90 -24.68 25.04
N PRO B 125 -14.63 -24.55 24.68
CA PRO B 125 -14.12 -25.19 23.47
C PRO B 125 -13.71 -26.63 23.71
N SER B 126 -13.72 -27.39 22.62
CA SER B 126 -12.98 -28.63 22.56
C SER B 126 -11.62 -28.35 21.95
N VAL B 127 -10.61 -29.06 22.42
CA VAL B 127 -9.24 -28.85 21.97
C VAL B 127 -8.76 -30.13 21.30
N PHE B 128 -8.38 -30.03 20.02
CA PHE B 128 -7.95 -31.17 19.24
C PHE B 128 -6.51 -31.01 18.77
N PRO B 129 -5.74 -32.09 18.73
CA PRO B 129 -4.34 -31.98 18.33
C PRO B 129 -4.19 -31.84 16.83
N LEU B 130 -3.23 -31.00 16.43
CA LEU B 130 -2.73 -30.93 15.06
C LEU B 130 -1.39 -31.63 15.08
N ALA B 131 -1.39 -32.91 14.76
CA ALA B 131 -0.24 -33.78 15.05
C ALA B 131 0.82 -33.64 13.96
N PRO B 132 2.09 -33.51 14.33
CA PRO B 132 3.16 -33.53 13.33
C PRO B 132 3.23 -34.87 12.62
N SER B 133 3.52 -34.82 11.31
CA SER B 133 3.66 -36.04 10.51
C SER B 133 5.14 -36.37 10.26
N SER B 138 10.73 -32.11 6.72
CA SER B 138 10.86 -30.91 5.91
C SER B 138 12.00 -30.00 6.40
N GLY B 139 13.23 -30.34 6.02
CA GLY B 139 14.38 -29.62 6.54
C GLY B 139 14.55 -29.75 8.03
N GLY B 140 14.14 -30.88 8.60
CA GLY B 140 14.23 -31.10 10.03
C GLY B 140 13.36 -30.21 10.88
N THR B 141 12.46 -29.43 10.30
CA THR B 141 11.50 -28.64 11.05
C THR B 141 10.11 -29.26 10.92
N ALA B 142 9.48 -29.54 12.04
CA ALA B 142 8.14 -30.10 12.04
C ALA B 142 7.16 -29.08 12.62
N ALA B 143 5.94 -29.12 12.13
CA ALA B 143 4.90 -28.18 12.54
C ALA B 143 3.80 -28.94 13.27
N LEU B 144 3.34 -28.38 14.38
CA LEU B 144 2.33 -29.02 15.17
C LEU B 144 1.46 -27.92 15.77
N GLY B 145 0.30 -28.30 16.28
CA GLY B 145 -0.61 -27.28 16.72
C GLY B 145 -1.79 -27.85 17.49
N CYS B 146 -2.68 -26.94 17.86
CA CYS B 146 -3.92 -27.25 18.55
C CYS B 146 -5.08 -26.55 17.86
N LEU B 147 -6.17 -27.29 17.69
CA LEU B 147 -7.41 -26.76 17.13
C LEU B 147 -8.36 -26.51 18.28
N VAL B 148 -8.71 -25.24 18.50
CA VAL B 148 -9.57 -24.83 19.62
C VAL B 148 -10.92 -24.47 19.03
N LYS B 149 -11.90 -25.35 19.22
CA LYS B 149 -13.09 -25.39 18.38
C LYS B 149 -14.38 -25.23 19.18
N ASP B 150 -15.30 -24.45 18.62
CA ASP B 150 -16.70 -24.38 19.06
C ASP B 150 -16.86 -23.76 20.44
N TYR B 151 -16.40 -22.53 20.63
CA TYR B 151 -16.59 -21.84 21.89
C TYR B 151 -17.31 -20.52 21.68
N PHE B 152 -17.79 -19.95 22.77
CA PHE B 152 -18.45 -18.67 22.77
C PHE B 152 -18.59 -18.18 24.22
N PRO B 153 -18.40 -16.88 24.46
CA PRO B 153 -17.92 -15.91 23.50
C PRO B 153 -16.39 -15.92 23.42
N GLU B 154 -15.83 -15.02 22.62
CA GLU B 154 -14.43 -14.69 22.70
C GLU B 154 -14.16 -14.11 24.08
N PRO B 155 -12.90 -14.15 24.55
CA PRO B 155 -11.72 -14.69 23.88
C PRO B 155 -11.28 -15.99 24.51
N VAL B 156 -10.30 -16.61 23.87
CA VAL B 156 -9.58 -17.75 24.43
C VAL B 156 -8.09 -17.40 24.41
N THR B 157 -7.36 -17.86 25.43
CA THR B 157 -5.92 -17.68 25.47
C THR B 157 -5.24 -19.01 25.16
N VAL B 158 -4.17 -18.95 24.40
CA VAL B 158 -3.36 -20.10 24.09
C VAL B 158 -1.91 -19.76 24.39
N SER B 159 -1.20 -20.70 24.98
CA SER B 159 0.24 -20.64 25.13
C SER B 159 0.77 -22.06 25.02
N TRP B 160 2.08 -22.18 24.97
CA TRP B 160 2.73 -23.46 24.76
C TRP B 160 3.72 -23.73 25.89
N ASN B 161 3.65 -24.94 26.45
CA ASN B 161 4.51 -25.38 27.55
C ASN B 161 4.57 -24.34 28.66
N SER B 162 3.38 -23.95 29.13
CA SER B 162 3.17 -23.04 30.27
C SER B 162 3.95 -21.74 30.14
N GLY B 163 4.14 -21.27 28.90
CA GLY B 163 4.85 -20.04 28.65
C GLY B 163 6.29 -20.22 28.19
N ALA B 164 6.89 -21.39 28.42
CA ALA B 164 8.30 -21.58 28.06
C ALA B 164 8.54 -21.63 26.55
N LEU B 165 7.53 -21.89 25.73
CA LEU B 165 7.72 -22.00 24.28
C LEU B 165 6.97 -20.86 23.59
N THR B 166 7.73 -19.93 23.00
CA THR B 166 7.14 -18.78 22.31
C THR B 166 7.67 -18.66 20.89
N SER B 167 8.90 -19.08 20.68
CA SER B 167 9.53 -18.93 19.37
C SER B 167 8.86 -19.84 18.34
N GLY B 168 8.48 -19.25 17.21
CA GLY B 168 7.81 -20.01 16.17
C GLY B 168 6.35 -20.28 16.42
N VAL B 169 5.73 -19.63 17.42
CA VAL B 169 4.32 -19.78 17.71
C VAL B 169 3.50 -18.79 16.86
N HIS B 170 2.51 -19.31 16.15
CA HIS B 170 1.51 -18.48 15.49
C HIS B 170 0.14 -18.91 16.00
N THR B 171 -0.54 -17.98 16.67
CA THR B 171 -1.90 -18.19 17.13
C THR B 171 -2.84 -17.37 16.26
N PHE B 172 -3.72 -18.04 15.52
CA PHE B 172 -4.48 -17.35 14.48
C PHE B 172 -5.67 -16.61 15.06
N PRO B 173 -6.12 -15.55 14.39
CA PRO B 173 -7.36 -14.89 14.82
C PRO B 173 -8.52 -15.88 14.76
N ALA B 174 -9.38 -15.82 15.77
CA ALA B 174 -10.58 -16.63 15.75
C ALA B 174 -11.46 -16.26 14.55
N VAL B 175 -12.14 -17.26 14.02
CA VAL B 175 -13.14 -17.04 12.99
C VAL B 175 -14.46 -17.59 13.51
N LEU B 176 -15.54 -16.93 13.11
CA LEU B 176 -16.88 -17.23 13.57
C LEU B 176 -17.53 -18.20 12.59
N GLN B 177 -17.96 -19.35 13.08
CA GLN B 177 -18.58 -20.34 12.21
C GLN B 177 -20.08 -20.05 12.07
N SER B 178 -20.67 -20.60 11.00
CA SER B 178 -22.08 -20.40 10.73
C SER B 178 -22.94 -20.83 11.90
N SER B 179 -22.40 -21.69 12.78
CA SER B 179 -23.10 -22.12 13.98
C SER B 179 -23.18 -21.03 15.04
N GLY B 180 -22.51 -19.90 14.84
CA GLY B 180 -22.40 -18.89 15.88
C GLY B 180 -21.33 -19.17 16.91
N LEU B 181 -20.56 -20.24 16.76
CA LEU B 181 -19.47 -20.53 17.65
C LEU B 181 -18.14 -20.20 16.97
N TYR B 182 -17.16 -19.83 17.78
CA TYR B 182 -15.85 -19.47 17.27
C TYR B 182 -14.93 -20.67 17.17
N SER B 183 -13.87 -20.49 16.39
CA SER B 183 -12.81 -21.46 16.25
C SER B 183 -11.49 -20.72 16.01
N LEU B 184 -10.39 -21.34 16.43
CA LEU B 184 -9.06 -20.91 16.03
C LEU B 184 -8.09 -22.07 16.18
N SER B 185 -6.94 -21.93 15.54
CA SER B 185 -5.82 -22.84 15.70
C SER B 185 -4.59 -22.07 16.17
N SER B 186 -3.72 -22.77 16.86
CA SER B 186 -2.43 -22.25 17.28
C SER B 186 -1.40 -23.26 16.84
N VAL B 187 -0.40 -22.82 16.08
CA VAL B 187 0.62 -23.71 15.57
C VAL B 187 1.97 -23.29 16.10
N VAL B 188 2.93 -24.19 15.94
CA VAL B 188 4.32 -23.91 16.31
C VAL B 188 5.18 -24.85 15.51
N THR B 189 6.35 -24.38 15.10
CA THR B 189 7.32 -25.21 14.38
C THR B 189 8.49 -25.49 15.32
N VAL B 190 8.93 -26.74 15.34
CA VAL B 190 10.03 -27.16 16.22
C VAL B 190 10.97 -28.05 15.44
N PRO B 191 12.18 -28.28 15.96
CA PRO B 191 13.04 -29.30 15.36
C PRO B 191 12.39 -30.66 15.47
N SER B 192 12.34 -31.38 14.35
CA SER B 192 11.77 -32.71 14.39
C SER B 192 12.56 -33.62 15.31
N SER B 193 13.87 -33.39 15.47
CA SER B 193 14.67 -34.24 16.33
C SER B 193 14.26 -34.15 17.79
N SER B 194 13.50 -33.13 18.17
CA SER B 194 13.09 -33.00 19.55
C SER B 194 11.72 -33.60 19.82
N LEU B 195 11.07 -34.19 18.81
CA LEU B 195 9.75 -34.79 19.06
C LEU B 195 9.83 -36.00 19.96
N GLY B 196 11.00 -36.61 20.10
CA GLY B 196 11.14 -37.75 20.99
C GLY B 196 11.65 -37.40 22.37
N THR B 197 12.11 -36.18 22.58
CA THR B 197 12.63 -35.82 23.90
C THR B 197 11.83 -34.74 24.60
N GLN B 198 11.17 -33.85 23.85
CA GLN B 198 10.42 -32.73 24.39
C GLN B 198 8.93 -33.05 24.37
N THR B 199 8.21 -32.54 25.36
CA THR B 199 6.75 -32.63 25.34
C THR B 199 6.17 -31.28 24.89
N TYR B 200 5.15 -31.35 24.04
CA TYR B 200 4.50 -30.14 23.52
C TYR B 200 3.06 -30.11 23.95
N ILE B 201 2.71 -29.06 24.70
CA ILE B 201 1.42 -28.90 25.33
C ILE B 201 0.90 -27.52 24.96
N CYS B 202 -0.34 -27.44 24.50
CA CYS B 202 -1.01 -26.15 24.36
C CYS B 202 -1.89 -25.95 25.59
N ASN B 203 -1.64 -24.87 26.32
CA ASN B 203 -2.46 -24.52 27.49
C ASN B 203 -3.60 -23.64 27.02
N VAL B 204 -4.82 -24.16 27.09
CA VAL B 204 -6.00 -23.47 26.58
C VAL B 204 -6.83 -23.03 27.78
N ASN B 205 -7.24 -21.77 27.78
CA ASN B 205 -8.09 -21.25 28.85
C ASN B 205 -9.18 -20.41 28.22
N HIS B 206 -10.43 -20.82 28.44
CA HIS B 206 -11.60 -20.06 28.01
C HIS B 206 -12.31 -19.59 29.28
N LYS B 207 -11.99 -18.37 29.69
CA LYS B 207 -12.49 -17.86 30.97
C LYS B 207 -14.00 -17.74 31.07
N PRO B 208 -14.74 -17.27 30.06
CA PRO B 208 -16.20 -17.13 30.25
C PRO B 208 -16.89 -18.45 30.57
N SER B 209 -16.31 -19.58 30.19
CA SER B 209 -16.86 -20.89 30.53
C SER B 209 -16.07 -21.58 31.62
N ASN B 210 -15.02 -20.93 32.14
CA ASN B 210 -14.08 -21.57 33.07
C ASN B 210 -13.69 -22.95 32.57
N THR B 211 -13.47 -23.03 31.26
CA THR B 211 -12.92 -24.24 30.65
C THR B 211 -11.44 -24.03 30.42
N LYS B 212 -10.63 -24.91 30.98
CA LYS B 212 -9.19 -24.74 31.00
C LYS B 212 -8.56 -26.10 30.76
N VAL B 213 -7.86 -26.25 29.64
CA VAL B 213 -7.46 -27.56 29.11
C VAL B 213 -6.00 -27.49 28.67
N ASP B 214 -5.21 -28.48 29.09
CA ASP B 214 -3.88 -28.71 28.54
C ASP B 214 -3.96 -29.89 27.57
N LYS B 215 -3.51 -29.69 26.34
CA LYS B 215 -3.56 -30.73 25.33
C LYS B 215 -2.14 -31.10 24.95
N ARG B 216 -1.77 -32.35 25.19
CA ARG B 216 -0.51 -32.89 24.70
C ARG B 216 -0.63 -33.21 23.22
N VAL B 217 0.36 -32.82 22.43
CA VAL B 217 0.32 -33.01 20.98
C VAL B 217 1.50 -33.85 20.55
N GLU B 218 1.21 -35.03 19.98
CA GLU B 218 2.17 -36.07 19.65
C GLU B 218 2.08 -36.46 18.18
N PRO B 219 3.19 -36.87 17.58
CA PRO B 219 3.10 -37.55 16.28
C PRO B 219 2.21 -38.78 16.39
N LYS B 220 1.36 -38.99 15.39
CA LYS B 220 0.30 -40.00 15.44
C LYS B 220 0.64 -41.29 14.69
N ASP C 1 19.72 25.85 1.17
CA ASP C 1 18.39 25.89 0.54
C ASP C 1 17.33 25.35 1.50
N ILE C 2 16.07 25.69 1.24
CA ILE C 2 14.96 25.14 2.02
C ILE C 2 14.70 23.70 1.59
N LEU C 3 14.66 22.79 2.56
CA LEU C 3 14.23 21.43 2.27
C LEU C 3 12.73 21.30 2.44
N LEU C 4 12.09 20.56 1.54
CA LEU C 4 10.64 20.34 1.56
C LEU C 4 10.37 18.84 1.69
N THR C 5 9.77 18.43 2.79
CA THR C 5 9.46 17.04 3.05
C THR C 5 7.97 16.80 2.83
N GLN C 6 7.63 16.05 1.80
CA GLN C 6 6.25 15.70 1.55
C GLN C 6 5.94 14.35 2.17
N SER C 7 4.73 14.21 2.71
CA SER C 7 4.28 12.92 3.20
C SER C 7 2.77 12.74 3.00
N PRO C 8 2.33 11.51 2.75
CA PRO C 8 3.16 10.29 2.62
C PRO C 8 3.80 10.19 1.24
N VAL C 9 4.72 9.25 1.07
CA VAL C 9 5.29 9.05 -0.26
C VAL C 9 4.24 8.48 -1.20
N ILE C 10 3.44 7.54 -0.72
CA ILE C 10 2.34 6.97 -1.48
C ILE C 10 1.08 7.20 -0.69
N LEU C 11 0.10 7.88 -1.29
CA LEU C 11 -1.17 8.17 -0.67
C LEU C 11 -2.27 7.36 -1.32
N SER C 12 -2.77 6.35 -0.63
CA SER C 12 -3.76 5.42 -1.17
C SER C 12 -5.12 5.71 -0.55
N VAL C 13 -6.12 6.03 -1.38
CA VAL C 13 -7.42 6.48 -0.92
C VAL C 13 -8.54 5.87 -1.75
N SER C 14 -9.74 5.95 -1.21
CA SER C 14 -10.94 5.48 -1.88
C SER C 14 -11.64 6.66 -2.57
N PRO C 15 -12.29 6.42 -3.70
CA PRO C 15 -12.91 7.53 -4.43
C PRO C 15 -14.00 8.18 -3.61
N GLY C 16 -14.13 9.51 -3.77
CA GLY C 16 -15.11 10.28 -3.03
C GLY C 16 -14.66 10.75 -1.67
N GLU C 17 -13.59 10.16 -1.12
CA GLU C 17 -13.09 10.61 0.15
C GLU C 17 -12.38 11.97 0.02
N ARG C 18 -12.08 12.58 1.17
CA ARG C 18 -11.24 13.76 1.22
C ARG C 18 -9.79 13.32 1.33
N VAL C 19 -8.91 14.05 0.65
CA VAL C 19 -7.49 13.69 0.56
C VAL C 19 -6.66 14.87 1.02
N SER C 20 -5.61 14.58 1.77
CA SER C 20 -4.72 15.60 2.32
C SER C 20 -3.27 15.25 2.08
N PHE C 21 -2.56 16.10 1.35
CA PHE C 21 -1.12 15.97 1.14
C PHE C 21 -0.41 16.88 2.12
N SER C 22 0.62 16.37 2.78
CA SER C 22 1.43 17.19 3.68
C SER C 22 2.71 17.64 3.00
N CYS C 23 3.05 18.91 3.20
CA CYS C 23 4.33 19.47 2.77
C CYS C 23 4.91 20.25 3.96
N ARG C 24 6.00 19.76 4.50
CA ARG C 24 6.66 20.34 5.66
C ARG C 24 7.92 21.04 5.19
N ALA C 25 8.11 22.28 5.62
CA ALA C 25 9.30 23.03 5.25
C ALA C 25 10.30 23.03 6.41
N SER C 26 11.59 22.98 6.07
CA SER C 26 12.64 22.82 7.07
C SER C 26 12.88 24.08 7.90
N GLN C 27 12.36 25.22 7.46
CA GLN C 27 12.24 26.42 8.27
C GLN C 27 11.02 27.19 7.77
N SER C 28 10.65 28.23 8.50
CA SER C 28 9.44 28.98 8.16
C SER C 28 9.55 29.62 6.77
N ILE C 29 8.43 29.61 6.04
CA ILE C 29 8.37 30.17 4.70
C ILE C 29 7.06 30.93 4.51
N GLY C 30 6.40 31.33 5.60
CA GLY C 30 5.20 32.15 5.49
C GLY C 30 4.07 31.38 4.82
N THR C 31 3.50 31.98 3.77
CA THR C 31 2.58 31.25 2.90
C THR C 31 3.13 31.07 1.49
N ASN C 32 4.46 31.11 1.33
CA ASN C 32 5.06 31.16 0.00
C ASN C 32 5.29 29.76 -0.55
N ILE C 33 4.20 29.10 -0.90
CA ILE C 33 4.19 27.71 -1.34
C ILE C 33 3.20 27.53 -2.48
N HIS C 34 3.61 26.78 -3.50
CA HIS C 34 2.75 26.47 -4.65
C HIS C 34 2.68 24.96 -4.84
N TRP C 35 1.55 24.49 -5.38
CA TRP C 35 1.28 23.07 -5.51
C TRP C 35 1.06 22.72 -6.99
N TYR C 36 1.52 21.54 -7.38
CA TYR C 36 1.49 21.10 -8.77
C TYR C 36 0.99 19.67 -8.89
N GLN C 37 0.41 19.37 -10.05
CA GLN C 37 -0.06 18.06 -10.42
C GLN C 37 0.68 17.63 -11.68
N GLN C 38 1.16 16.39 -11.72
CA GLN C 38 1.86 15.87 -12.88
C GLN C 38 1.32 14.49 -13.23
N ARG C 39 0.73 14.37 -14.42
CA ARG C 39 0.24 13.09 -14.95
C ARG C 39 1.27 12.49 -15.91
N THR C 40 1.05 11.24 -16.27
CA THR C 40 1.92 10.53 -17.21
C THR C 40 2.24 11.37 -18.44
N ASN C 41 3.53 11.47 -18.77
CA ASN C 41 4.00 12.15 -19.97
C ASN C 41 3.69 13.65 -19.97
N GLY C 42 3.11 14.17 -18.89
CA GLY C 42 2.74 15.56 -18.82
C GLY C 42 3.74 16.44 -18.08
N SER C 43 3.55 17.71 -18.25
CA SER C 43 4.28 18.71 -17.48
C SER C 43 3.51 19.02 -16.21
N PRO C 44 4.20 19.53 -15.19
CA PRO C 44 3.51 19.92 -13.96
C PRO C 44 2.47 20.97 -14.24
N ARG C 45 1.33 20.85 -13.56
CA ARG C 45 0.18 21.71 -13.75
C ARG C 45 -0.08 22.41 -12.42
N LEU C 46 -0.04 23.74 -12.43
CA LEU C 46 -0.19 24.52 -11.22
C LEU C 46 -1.63 24.45 -10.72
N LEU C 47 -1.78 24.15 -9.43
CA LEU C 47 -3.09 23.96 -8.79
C LEU C 47 -3.45 25.03 -7.78
N ILE C 48 -2.48 25.45 -6.98
CA ILE C 48 -2.68 26.36 -5.85
C ILE C 48 -1.43 27.21 -5.77
N LYS C 49 -1.60 28.49 -5.46
CA LYS C 49 -0.45 29.37 -5.29
C LYS C 49 -0.56 30.09 -3.96
N TYR C 50 0.59 30.37 -3.35
CA TYR C 50 0.65 31.08 -2.09
C TYR C 50 -0.27 30.43 -1.06
N ALA C 51 -0.07 29.12 -0.89
CA ALA C 51 -0.70 28.30 0.13
C ALA C 51 -2.17 28.00 -0.15
N SER C 52 -2.94 29.02 -0.56
CA SER C 52 -4.39 28.85 -0.60
C SER C 52 -5.09 29.53 -1.76
N GLU C 53 -4.37 30.18 -2.67
CA GLU C 53 -5.02 30.95 -3.72
C GLU C 53 -5.27 30.09 -4.94
N SER C 54 -6.44 30.23 -5.52
CA SER C 54 -6.86 29.31 -6.56
C SER C 54 -6.36 29.78 -7.93
N ILE C 55 -6.31 28.84 -8.88
CA ILE C 55 -5.72 29.05 -10.19
C ILE C 55 -6.82 28.89 -11.24
N SER C 56 -6.74 29.69 -12.29
CA SER C 56 -7.81 29.69 -13.30
C SER C 56 -7.90 28.34 -14.00
N GLY C 57 -9.11 27.79 -14.02
CA GLY C 57 -9.39 26.56 -14.73
C GLY C 57 -9.20 25.29 -13.92
N ILE C 58 -8.83 25.40 -12.64
CA ILE C 58 -8.64 24.23 -11.79
C ILE C 58 -9.97 23.90 -11.12
N PRO C 59 -10.39 22.64 -11.11
CA PRO C 59 -11.63 22.28 -10.41
C PRO C 59 -11.62 22.72 -8.95
N SER C 60 -12.81 23.07 -8.46
CA SER C 60 -12.97 23.67 -7.14
C SER C 60 -12.72 22.68 -6.01
N ARG C 61 -12.73 21.38 -6.31
CA ARG C 61 -12.46 20.41 -5.27
C ARG C 61 -11.02 20.48 -4.76
N PHE C 62 -10.17 21.27 -5.40
CA PHE C 62 -8.79 21.48 -4.99
C PHE C 62 -8.69 22.72 -4.11
N SER C 63 -8.03 22.59 -2.97
CA SER C 63 -7.70 23.77 -2.20
C SER C 63 -6.46 23.49 -1.36
N GLY C 64 -5.96 24.54 -0.70
CA GLY C 64 -4.79 24.41 0.16
C GLY C 64 -4.88 25.30 1.38
N SER C 65 -4.03 24.98 2.35
CA SER C 65 -4.06 25.69 3.63
C SER C 65 -2.70 25.57 4.28
N GLY C 66 -2.47 26.43 5.27
CA GLY C 66 -1.24 26.42 6.03
C GLY C 66 -0.42 27.68 5.96
N SER C 67 0.50 27.83 6.91
CA SER C 67 1.47 28.93 7.01
C SER C 67 2.57 28.51 7.97
N GLY C 68 3.77 29.03 7.76
CA GLY C 68 4.89 28.64 8.59
C GLY C 68 5.71 27.49 8.01
N THR C 69 5.51 26.28 8.55
CA THR C 69 6.18 25.09 8.03
C THR C 69 5.24 24.00 7.54
N ASP C 70 3.98 23.95 7.99
CA ASP C 70 3.09 22.84 7.72
C ASP C 70 2.03 23.24 6.70
N PHE C 71 1.99 22.55 5.55
CA PHE C 71 1.08 22.90 4.48
C PHE C 71 0.33 21.66 4.01
N THR C 72 -0.89 21.89 3.51
CA THR C 72 -1.81 20.85 3.13
C THR C 72 -2.45 21.20 1.79
N LEU C 73 -2.39 20.27 0.84
CA LEU C 73 -3.21 20.33 -0.37
C LEU C 73 -4.40 19.39 -0.19
N SER C 74 -5.61 19.89 -0.44
CA SER C 74 -6.83 19.14 -0.16
CA SER C 74 -6.83 19.14 -0.16
C SER C 74 -7.60 18.89 -1.45
N ILE C 75 -8.03 17.65 -1.63
CA ILE C 75 -8.97 17.27 -2.67
C ILE C 75 -10.21 16.79 -1.94
N ASN C 76 -11.27 17.60 -1.98
CA ASN C 76 -12.38 17.38 -1.08
C ASN C 76 -13.27 16.20 -1.47
N SER C 77 -13.13 15.66 -2.68
CA SER C 77 -13.90 14.48 -3.08
C SER C 77 -13.15 13.83 -4.24
N VAL C 78 -12.20 12.96 -3.91
CA VAL C 78 -11.19 12.56 -4.87
C VAL C 78 -11.82 11.76 -6.00
N GLU C 79 -11.31 11.97 -7.22
CA GLU C 79 -11.77 11.27 -8.41
C GLU C 79 -10.62 10.50 -9.07
N SER C 80 -11.01 9.54 -9.90
CA SER C 80 -9.99 8.76 -10.60
C SER C 80 -9.19 9.64 -11.54
N GLU C 81 -9.78 10.74 -12.04
CA GLU C 81 -9.06 11.69 -12.87
C GLU C 81 -7.96 12.40 -12.10
N ASP C 82 -7.95 12.29 -10.78
CA ASP C 82 -6.93 12.90 -9.95
C ASP C 82 -5.71 12.01 -9.78
N ILE C 83 -5.73 10.77 -10.27
CA ILE C 83 -4.53 9.94 -10.32
C ILE C 83 -3.40 10.76 -10.94
N ALA C 84 -2.33 10.96 -10.18
CA ALA C 84 -1.21 11.83 -10.56
C ALA C 84 -0.21 11.85 -9.42
N ASP C 85 0.94 12.47 -9.68
CA ASP C 85 1.89 12.84 -8.65
C ASP C 85 1.69 14.31 -8.28
N TYR C 86 1.93 14.63 -7.00
CA TYR C 86 1.64 15.96 -6.46
C TYR C 86 2.85 16.53 -5.76
N TYR C 87 3.19 17.77 -6.09
CA TYR C 87 4.41 18.41 -5.61
C TYR C 87 4.11 19.77 -5.01
N CYS C 88 4.86 20.11 -3.96
CA CYS C 88 4.88 21.47 -3.45
C CYS C 88 6.21 22.13 -3.82
N GLN C 89 6.17 23.45 -3.91
CA GLN C 89 7.29 24.33 -4.25
C GLN C 89 7.30 25.47 -3.25
N GLN C 90 8.48 25.85 -2.75
CA GLN C 90 8.59 27.03 -1.90
C GLN C 90 9.41 28.08 -2.62
N ASN C 91 9.06 29.36 -2.42
CA ASN C 91 9.84 30.46 -2.98
C ASN C 91 9.92 31.63 -1.99
N ASN C 92 9.97 31.32 -0.70
CA ASN C 92 10.28 32.37 0.26
C ASN C 92 11.78 32.63 0.35
N ASN C 93 12.62 31.65 0.02
CA ASN C 93 14.07 31.83 0.06
C ASN C 93 14.65 31.37 -1.25
N TRP C 94 15.53 32.18 -1.82
CA TRP C 94 16.24 31.80 -3.03
C TRP C 94 17.23 30.69 -2.70
N PRO C 95 17.35 29.69 -3.57
CA PRO C 95 16.52 29.53 -4.77
C PRO C 95 15.23 28.76 -4.49
N THR C 96 14.25 28.91 -5.37
CA THR C 96 13.02 28.14 -5.19
C THR C 96 13.33 26.66 -5.32
N THR C 97 12.67 25.85 -4.50
CA THR C 97 12.94 24.44 -4.35
C THR C 97 11.63 23.68 -4.28
N PHE C 98 11.69 22.38 -4.58
CA PHE C 98 10.51 21.53 -4.69
C PHE C 98 10.59 20.33 -3.74
N GLY C 99 9.43 19.84 -3.31
CA GLY C 99 9.38 18.58 -2.61
C GLY C 99 9.68 17.40 -3.53
N ALA C 100 9.79 16.21 -2.94
CA ALA C 100 10.05 15.00 -3.72
C ALA C 100 8.77 14.35 -4.25
N GLY C 101 7.60 14.82 -3.80
CA GLY C 101 6.34 14.40 -4.36
C GLY C 101 5.65 13.32 -3.57
N THR C 102 4.33 13.25 -3.74
CA THR C 102 3.48 12.20 -3.21
C THR C 102 2.71 11.62 -4.39
N LYS C 103 2.64 10.29 -4.48
N LYS C 103 2.63 10.29 -4.46
CA LYS C 103 1.83 9.63 -5.51
CA LYS C 103 1.85 9.61 -5.49
C LYS C 103 0.43 9.35 -4.99
C LYS C 103 0.44 9.34 -4.99
N LEU C 104 -0.57 9.72 -5.77
CA LEU C 104 -1.96 9.47 -5.44
C LEU C 104 -2.37 8.16 -6.12
N GLU C 105 -2.76 7.17 -5.32
CA GLU C 105 -3.33 5.91 -5.80
C GLU C 105 -4.78 5.78 -5.34
N LEU C 106 -5.60 5.17 -6.17
CA LEU C 106 -7.02 5.01 -5.87
C LEU C 106 -7.37 3.54 -5.73
N LYS C 107 -8.13 3.23 -4.70
CA LYS C 107 -8.59 1.88 -4.48
C LYS C 107 -9.87 1.66 -5.27
N ARG C 108 -10.06 0.43 -5.72
CA ARG C 108 -11.27 0.04 -6.43
C ARG C 108 -11.45 -1.44 -6.17
N THR C 109 -12.58 -1.97 -6.61
CA THR C 109 -12.84 -3.39 -6.44
C THR C 109 -11.87 -4.20 -7.29
N VAL C 110 -11.64 -5.44 -6.86
CA VAL C 110 -10.86 -6.40 -7.62
C VAL C 110 -11.45 -6.57 -9.02
N ALA C 111 -10.56 -6.57 -10.03
CA ALA C 111 -10.93 -6.85 -11.43
C ALA C 111 -9.90 -7.79 -12.02
N ALA C 112 -10.36 -8.90 -12.60
CA ALA C 112 -9.45 -9.86 -13.20
C ALA C 112 -8.92 -9.35 -14.54
N PRO C 113 -7.70 -9.73 -14.91
CA PRO C 113 -7.17 -9.33 -16.21
C PRO C 113 -7.78 -10.13 -17.34
N SER C 114 -7.94 -9.47 -18.48
CA SER C 114 -8.23 -10.14 -19.73
C SER C 114 -6.92 -10.36 -20.45
N VAL C 115 -6.65 -11.60 -20.85
CA VAL C 115 -5.34 -12.02 -21.32
C VAL C 115 -5.38 -12.21 -22.83
N PHE C 116 -4.30 -11.84 -23.49
CA PHE C 116 -4.15 -11.99 -24.94
C PHE C 116 -2.70 -12.36 -25.23
N ILE C 117 -2.51 -13.34 -26.11
CA ILE C 117 -1.18 -13.77 -26.50
C ILE C 117 -0.99 -13.45 -27.98
N PHE C 118 0.21 -12.97 -28.32
CA PHE C 118 0.54 -12.52 -29.67
C PHE C 118 1.79 -13.27 -30.12
N PRO C 119 1.74 -14.01 -31.22
CA PRO C 119 2.93 -14.67 -31.71
C PRO C 119 3.83 -13.69 -32.43
N PRO C 120 5.09 -14.04 -32.66
CA PRO C 120 5.95 -13.17 -33.45
C PRO C 120 5.50 -13.10 -34.89
N SER C 121 5.81 -12.00 -35.54
CA SER C 121 5.46 -11.78 -36.94
C SER C 121 6.56 -12.29 -37.85
N ASP C 122 6.17 -12.71 -39.06
CA ASP C 122 7.16 -13.18 -40.03
C ASP C 122 8.17 -12.09 -40.35
N GLU C 123 7.76 -10.82 -40.29
CA GLU C 123 8.69 -9.72 -40.54
CA GLU C 123 8.69 -9.73 -40.54
C GLU C 123 9.83 -9.72 -39.53
N GLN C 124 9.51 -9.96 -38.25
CA GLN C 124 10.58 -9.93 -37.25
C GLN C 124 11.50 -11.14 -37.38
N LEU C 125 10.95 -12.32 -37.68
CA LEU C 125 11.78 -13.53 -37.73
C LEU C 125 12.95 -13.37 -38.69
N LYS C 126 12.78 -12.60 -39.77
CA LYS C 126 13.89 -12.36 -40.69
C LYS C 126 15.12 -11.79 -40.00
N SER C 127 14.95 -11.12 -38.86
CA SER C 127 16.06 -10.47 -38.19
C SER C 127 16.85 -11.42 -37.28
N GLY C 128 16.38 -12.67 -37.11
CA GLY C 128 17.04 -13.61 -36.24
C GLY C 128 16.49 -13.70 -34.83
N THR C 129 15.47 -12.92 -34.50
CA THR C 129 14.87 -12.90 -33.17
C THR C 129 13.36 -13.05 -33.27
N ALA C 130 12.76 -13.65 -32.24
CA ALA C 130 11.30 -13.72 -32.13
C ALA C 130 10.84 -13.14 -30.80
N SER C 131 9.94 -12.16 -30.85
CA SER C 131 9.30 -11.63 -29.65
C SER C 131 7.90 -12.20 -29.53
N VAL C 132 7.61 -12.81 -28.39
CA VAL C 132 6.28 -13.30 -28.05
C VAL C 132 5.75 -12.38 -26.97
N VAL C 133 4.54 -11.86 -27.16
CA VAL C 133 3.99 -10.85 -26.26
C VAL C 133 2.72 -11.39 -25.63
N CYS C 134 2.52 -11.09 -24.36
CA CYS C 134 1.32 -11.45 -23.64
C CYS C 134 0.75 -10.21 -22.96
N LEU C 135 -0.53 -9.93 -23.19
CA LEU C 135 -1.19 -8.74 -22.68
C LEU C 135 -2.16 -9.12 -21.57
N LEU C 136 -2.06 -8.43 -20.44
CA LEU C 136 -3.05 -8.52 -19.36
C LEU C 136 -3.71 -7.15 -19.24
N ASN C 137 -5.02 -7.10 -19.48
CA ASN C 137 -5.71 -5.84 -19.71
C ASN C 137 -6.67 -5.50 -18.58
N ASN C 138 -6.57 -4.26 -18.08
CA ASN C 138 -7.57 -3.62 -17.22
C ASN C 138 -7.88 -4.45 -15.97
N PHE C 139 -6.90 -4.53 -15.06
CA PHE C 139 -7.06 -5.34 -13.88
C PHE C 139 -6.69 -4.54 -12.64
N TYR C 140 -7.06 -5.09 -11.48
CA TYR C 140 -6.79 -4.48 -10.19
C TYR C 140 -6.89 -5.58 -9.16
N PRO C 141 -5.91 -5.66 -8.23
CA PRO C 141 -4.78 -4.74 -8.10
C PRO C 141 -3.58 -5.02 -9.01
N ARG C 142 -2.50 -4.31 -8.72
CA ARG C 142 -1.37 -4.17 -9.64
C ARG C 142 -0.57 -5.46 -9.76
N GLU C 143 -0.52 -6.29 -8.71
CA GLU C 143 0.31 -7.48 -8.74
C GLU C 143 -0.34 -8.59 -9.57
N ALA C 144 0.38 -9.02 -10.59
CA ALA C 144 -0.02 -10.15 -11.42
C ALA C 144 1.24 -10.93 -11.78
N LYS C 145 1.12 -12.24 -11.93
CA LYS C 145 2.23 -13.09 -12.30
C LYS C 145 1.99 -13.70 -13.67
N VAL C 146 2.90 -13.42 -14.60
CA VAL C 146 2.94 -14.05 -15.92
C VAL C 146 4.02 -15.10 -15.89
N GLN C 147 3.68 -16.31 -16.33
CA GLN C 147 4.66 -17.36 -16.56
C GLN C 147 4.58 -17.79 -18.02
N TRP C 148 5.75 -17.89 -18.66
CA TRP C 148 5.88 -18.36 -20.04
C TRP C 148 6.27 -19.84 -20.10
N LYS C 149 5.65 -20.56 -21.03
CA LYS C 149 6.01 -21.97 -21.24
C LYS C 149 6.12 -22.25 -22.71
N VAL C 150 7.25 -22.85 -23.09
CA VAL C 150 7.54 -23.27 -24.46
C VAL C 150 7.60 -24.79 -24.44
N ASP C 151 6.66 -25.44 -25.13
CA ASP C 151 6.51 -26.89 -25.08
C ASP C 151 6.53 -27.38 -23.64
N ASN C 152 5.91 -26.60 -22.76
CA ASN C 152 5.68 -26.91 -21.35
C ASN C 152 6.93 -26.75 -20.48
N ALA C 153 7.97 -26.10 -20.98
CA ALA C 153 9.14 -25.78 -20.18
C ALA C 153 9.03 -24.34 -19.69
N LEU C 154 9.08 -24.16 -18.36
CA LEU C 154 9.00 -22.85 -17.75
C LEU C 154 10.20 -21.99 -18.13
N GLN C 155 9.94 -20.80 -18.68
CA GLN C 155 11.01 -19.90 -19.11
C GLN C 155 11.43 -19.00 -17.96
N SER C 156 12.73 -18.83 -17.82
CA SER C 156 13.26 -17.96 -16.79
C SER C 156 14.43 -17.18 -17.34
N GLY C 157 14.42 -15.87 -17.13
CA GLY C 157 15.50 -15.01 -17.54
C GLY C 157 15.34 -14.33 -18.89
N ASN C 158 14.33 -14.72 -19.69
CA ASN C 158 14.19 -14.20 -21.05
C ASN C 158 12.86 -13.49 -21.28
N SER C 159 12.32 -12.86 -20.25
CA SER C 159 11.10 -12.08 -20.38
C SER C 159 11.25 -10.77 -19.62
N GLN C 160 10.61 -9.72 -20.15
CA GLN C 160 10.53 -8.43 -19.46
C GLN C 160 9.07 -7.99 -19.39
N GLU C 161 8.70 -7.37 -18.27
CA GLU C 161 7.34 -6.87 -18.03
C GLU C 161 7.34 -5.35 -17.94
N SER C 162 6.23 -4.74 -18.36
CA SER C 162 6.00 -3.31 -18.30
C SER C 162 4.53 -3.05 -17.94
N VAL C 163 4.28 -2.08 -17.06
CA VAL C 163 2.98 -1.85 -16.47
C VAL C 163 2.60 -0.38 -16.65
N THR C 164 1.32 -0.13 -16.92
CA THR C 164 0.82 1.22 -17.09
C THR C 164 0.63 1.89 -15.73
N GLU C 165 0.51 3.21 -15.76
CA GLU C 165 -0.04 3.95 -14.65
C GLU C 165 -1.52 3.57 -14.45
N GLN C 166 -2.06 3.91 -13.29
CA GLN C 166 -3.45 3.59 -13.02
C GLN C 166 -4.37 4.44 -13.90
N ASP C 167 -5.35 3.80 -14.53
CA ASP C 167 -6.14 4.44 -15.56
C ASP C 167 -7.04 5.53 -14.99
N SER C 168 -7.07 6.69 -15.65
CA SER C 168 -7.79 7.84 -15.12
C SER C 168 -9.31 7.68 -15.19
N LYS C 169 -9.83 6.67 -15.88
CA LYS C 169 -11.27 6.46 -15.94
C LYS C 169 -11.74 5.35 -15.01
N ASP C 170 -11.12 4.17 -15.07
CA ASP C 170 -11.60 3.02 -14.30
C ASP C 170 -10.63 2.55 -13.24
N SER C 171 -9.50 3.22 -13.06
CA SER C 171 -8.54 2.92 -11.99
C SER C 171 -7.84 1.55 -12.15
N THR C 172 -7.81 0.95 -13.33
CA THR C 172 -7.11 -0.31 -13.51
C THR C 172 -5.66 -0.13 -13.95
N TYR C 173 -4.93 -1.23 -13.97
CA TYR C 173 -3.62 -1.33 -14.58
C TYR C 173 -3.71 -2.26 -15.78
N SER C 174 -2.77 -2.10 -16.70
CA SER C 174 -2.55 -3.11 -17.72
C SER C 174 -1.06 -3.43 -17.76
N LEU C 175 -0.73 -4.62 -18.26
CA LEU C 175 0.62 -5.15 -18.25
C LEU C 175 0.91 -5.88 -19.56
N SER C 176 2.12 -5.72 -20.06
CA SER C 176 2.62 -6.47 -21.20
C SER C 176 3.89 -7.21 -20.80
N SER C 177 3.92 -8.51 -21.06
CA SER C 177 5.13 -9.31 -20.89
C SER C 177 5.63 -9.72 -22.27
N THR C 178 6.93 -9.60 -22.47
CA THR C 178 7.56 -9.96 -23.74
C THR C 178 8.59 -11.06 -23.52
N LEU C 179 8.36 -12.19 -24.16
CA LEU C 179 9.31 -13.30 -24.20
C LEU C 179 10.20 -13.15 -25.44
N THR C 180 11.51 -13.11 -25.24
CA THR C 180 12.47 -12.90 -26.33
C THR C 180 13.25 -14.18 -26.57
N LEU C 181 13.21 -14.69 -27.81
CA LEU C 181 13.84 -15.94 -28.20
C LEU C 181 14.61 -15.76 -29.50
N SER C 182 15.66 -16.56 -29.66
CA SER C 182 16.31 -16.64 -30.96
C SER C 182 15.33 -17.22 -31.97
N LYS C 183 15.54 -16.90 -33.25
CA LYS C 183 14.71 -17.52 -34.28
C LYS C 183 14.87 -19.03 -34.25
N ALA C 184 16.11 -19.50 -34.12
CA ALA C 184 16.35 -20.94 -34.07
C ALA C 184 15.52 -21.60 -32.97
N ASP C 185 15.61 -21.09 -31.74
CA ASP C 185 14.87 -21.70 -30.65
CA ASP C 185 14.86 -21.68 -30.63
C ASP C 185 13.36 -21.63 -30.90
N TYR C 186 12.88 -20.53 -31.48
CA TYR C 186 11.46 -20.42 -31.77
C TYR C 186 11.00 -21.50 -32.75
N GLU C 187 11.80 -21.79 -33.78
CA GLU C 187 11.44 -22.79 -34.77
C GLU C 187 11.56 -24.22 -34.25
N LYS C 188 12.29 -24.44 -33.15
N LYS C 188 12.27 -24.44 -33.14
CA LYS C 188 12.46 -25.79 -32.61
CA LYS C 188 12.48 -25.77 -32.59
C LYS C 188 11.31 -26.22 -31.71
C LYS C 188 11.33 -26.21 -31.66
N HIS C 189 10.31 -25.36 -31.48
CA HIS C 189 9.26 -25.68 -30.53
C HIS C 189 7.90 -25.30 -31.11
N LYS C 190 6.85 -25.86 -30.50
CA LYS C 190 5.51 -25.74 -31.05
C LYS C 190 4.58 -24.92 -30.16
N VAL C 191 4.37 -25.35 -28.92
CA VAL C 191 3.33 -24.78 -28.05
C VAL C 191 3.93 -23.61 -27.27
N TYR C 192 3.35 -22.43 -27.45
CA TYR C 192 3.73 -21.23 -26.73
C TYR C 192 2.58 -20.81 -25.84
N ALA C 193 2.88 -20.47 -24.58
CA ALA C 193 1.83 -20.34 -23.58
C ALA C 193 2.13 -19.22 -22.59
N CYS C 194 1.14 -18.37 -22.39
CA CYS C 194 1.16 -17.32 -21.38
C CYS C 194 0.18 -17.71 -20.26
N GLU C 195 0.70 -17.96 -19.07
CA GLU C 195 -0.13 -18.35 -17.94
C GLU C 195 -0.11 -17.25 -16.92
N VAL C 196 -1.29 -16.93 -16.39
CA VAL C 196 -1.52 -15.71 -15.64
C VAL C 196 -2.17 -16.07 -14.31
N THR C 197 -1.61 -15.55 -13.22
CA THR C 197 -2.16 -15.70 -11.89
C THR C 197 -2.39 -14.33 -11.30
N HIS C 198 -3.56 -14.12 -10.69
CA HIS C 198 -3.94 -12.80 -10.20
C HIS C 198 -4.97 -12.96 -9.10
N GLN C 199 -4.94 -12.03 -8.13
CA GLN C 199 -5.88 -12.08 -7.02
C GLN C 199 -7.32 -12.29 -7.48
N GLY C 200 -7.72 -11.67 -8.59
CA GLY C 200 -9.05 -11.82 -9.11
C GLY C 200 -9.28 -13.03 -9.96
N LEU C 201 -8.33 -13.94 -10.06
CA LEU C 201 -8.52 -15.21 -10.76
C LEU C 201 -8.58 -16.33 -9.74
N SER C 202 -9.73 -17.01 -9.65
CA SER C 202 -9.83 -18.14 -8.73
C SER C 202 -8.89 -19.28 -9.12
N SER C 203 -8.61 -19.42 -10.42
CA SER C 203 -7.66 -20.39 -10.94
C SER C 203 -7.00 -19.76 -12.18
N PRO C 204 -5.78 -20.16 -12.53
CA PRO C 204 -5.00 -19.37 -13.49
C PRO C 204 -5.52 -19.47 -14.90
N VAL C 205 -5.29 -18.41 -15.68
CA VAL C 205 -5.73 -18.33 -17.08
C VAL C 205 -4.53 -18.55 -18.00
N THR C 206 -4.69 -19.43 -18.98
CA THR C 206 -3.65 -19.71 -19.95
C THR C 206 -4.13 -19.39 -21.36
N LYS C 207 -3.33 -18.65 -22.11
CA LYS C 207 -3.54 -18.42 -23.54
C LYS C 207 -2.36 -18.99 -24.32
N SER C 208 -2.67 -19.70 -25.42
CA SER C 208 -1.65 -20.43 -26.18
C SER C 208 -1.85 -20.22 -27.67
N PHE C 209 -0.78 -20.49 -28.41
CA PHE C 209 -0.89 -20.71 -29.84
C PHE C 209 0.11 -21.78 -30.22
N ASN C 210 -0.07 -22.35 -31.40
CA ASN C 210 0.85 -23.33 -31.95
C ASN C 210 1.57 -22.69 -33.12
N ARG C 211 2.90 -22.54 -33.01
CA ARG C 211 3.68 -22.05 -34.12
C ARG C 211 3.29 -22.80 -35.38
N GLY C 212 3.02 -22.06 -36.46
CA GLY C 212 2.51 -22.69 -37.66
C GLY C 212 1.01 -22.57 -37.78
N ALA C 213 0.28 -23.41 -37.05
CA ALA C 213 -1.18 -23.53 -37.15
C ALA C 213 -1.91 -22.19 -37.19
N GLN D 1 -3.58 31.55 -27.13
CA GLN D 1 -3.33 31.39 -25.70
C GLN D 1 -1.82 31.30 -25.41
N VAL D 2 -1.43 31.42 -24.14
CA VAL D 2 -0.02 31.33 -23.78
C VAL D 2 0.49 29.91 -24.02
N GLN D 3 1.60 29.79 -24.75
CA GLN D 3 2.19 28.50 -25.04
C GLN D 3 3.71 28.59 -25.09
N LEU D 4 4.37 27.54 -24.58
CA LEU D 4 5.81 27.38 -24.69
C LEU D 4 6.10 26.03 -25.32
N LYS D 5 6.90 26.04 -26.38
CA LYS D 5 7.17 24.84 -27.18
C LYS D 5 8.68 24.68 -27.32
N GLN D 6 9.17 23.50 -26.99
CA GLN D 6 10.59 23.23 -26.95
C GLN D 6 11.03 22.40 -28.15
N SER D 7 12.30 22.53 -28.52
CA SER D 7 12.83 21.65 -29.55
C SER D 7 12.79 20.18 -29.09
N GLY D 8 13.17 19.28 -29.99
CA GLY D 8 12.91 17.86 -29.81
C GLY D 8 13.92 17.19 -28.88
N PRO D 9 13.60 15.96 -28.50
CA PRO D 9 14.49 15.19 -27.62
C PRO D 9 15.71 14.65 -28.33
N GLY D 10 16.83 14.61 -27.59
CA GLY D 10 18.08 14.28 -28.22
C GLY D 10 19.11 13.65 -27.31
N LEU D 11 20.11 13.08 -27.97
CA LEU D 11 21.27 12.46 -27.35
C LEU D 11 22.37 13.50 -27.19
N VAL D 12 23.15 13.39 -26.11
CA VAL D 12 24.31 14.26 -25.87
C VAL D 12 25.47 13.42 -25.35
N GLN D 13 26.61 13.50 -26.03
CA GLN D 13 27.74 12.69 -25.62
C GLN D 13 28.37 13.25 -24.34
N PRO D 14 28.86 12.40 -23.44
CA PRO D 14 29.42 12.88 -22.19
C PRO D 14 30.50 13.93 -22.43
N SER D 15 30.52 14.94 -21.57
CA SER D 15 31.39 16.11 -21.61
C SER D 15 31.03 17.08 -22.73
N GLN D 16 30.02 16.78 -23.56
CA GLN D 16 29.57 17.74 -24.55
C GLN D 16 28.46 18.60 -23.95
N SER D 17 27.86 19.47 -24.75
CA SER D 17 26.94 20.48 -24.26
C SER D 17 25.53 20.23 -24.80
N LEU D 18 24.55 20.74 -24.08
CA LEU D 18 23.14 20.59 -24.39
C LEU D 18 22.54 21.91 -24.86
N SER D 19 21.77 21.88 -25.95
CA SER D 19 21.15 23.08 -26.48
C SER D 19 19.65 22.86 -26.66
N ILE D 20 18.85 23.76 -26.10
CA ILE D 20 17.40 23.68 -26.20
C ILE D 20 16.87 25.04 -26.57
N THR D 21 15.87 25.06 -27.44
CA THR D 21 15.19 26.28 -27.84
C THR D 21 13.78 26.27 -27.28
N CYS D 22 13.40 27.36 -26.62
CA CYS D 22 12.04 27.56 -26.11
C CYS D 22 11.41 28.68 -26.96
N THR D 23 10.41 28.31 -27.75
CA THR D 23 9.69 29.24 -28.62
C THR D 23 8.35 29.54 -27.99
N VAL D 24 8.07 30.81 -27.70
CA VAL D 24 6.86 31.18 -26.97
C VAL D 24 5.91 31.89 -27.92
N SER D 25 4.62 31.82 -27.56
CA SER D 25 3.59 32.55 -28.27
C SER D 25 2.51 32.97 -27.28
N GLY D 26 1.82 34.05 -27.61
CA GLY D 26 0.73 34.54 -26.77
C GLY D 26 1.15 35.46 -25.65
N PHE D 27 2.42 35.87 -25.63
CA PHE D 27 2.95 36.88 -24.74
C PHE D 27 4.33 37.25 -25.27
N SER D 28 4.83 38.39 -24.84
CA SER D 28 6.10 38.87 -25.34
C SER D 28 7.22 38.62 -24.34
N LEU D 29 8.36 38.16 -24.85
CA LEU D 29 9.52 37.98 -23.99
C LEU D 29 9.99 39.29 -23.37
N THR D 30 9.57 40.45 -23.91
CA THR D 30 9.89 41.71 -23.26
C THR D 30 9.05 41.96 -22.02
N ASN D 31 8.02 41.16 -21.77
CA ASN D 31 7.17 41.38 -20.60
C ASN D 31 7.28 40.31 -19.54
N TYR D 32 7.96 39.18 -19.82
CA TYR D 32 7.96 38.04 -18.91
C TYR D 32 9.31 37.36 -18.92
N GLY D 33 9.85 37.07 -17.74
CA GLY D 33 10.95 36.14 -17.65
C GLY D 33 10.55 34.77 -18.18
N VAL D 34 11.57 33.97 -18.50
CA VAL D 34 11.36 32.56 -18.84
C VAL D 34 12.34 31.76 -17.99
N HIS D 35 11.81 30.85 -17.18
CA HIS D 35 12.61 30.00 -16.31
C HIS D 35 12.90 28.67 -16.96
N TRP D 36 13.86 27.97 -16.41
CA TRP D 36 14.17 26.61 -16.83
C TRP D 36 14.25 25.73 -15.60
N VAL D 37 13.51 24.64 -15.66
CA VAL D 37 13.44 23.62 -14.62
C VAL D 37 13.77 22.28 -15.27
N ARG D 38 14.36 21.38 -14.50
CA ARG D 38 14.58 20.03 -14.97
C ARG D 38 14.10 19.04 -13.93
N GLN D 39 13.87 17.81 -14.39
CA GLN D 39 13.31 16.77 -13.53
C GLN D 39 14.11 15.50 -13.80
N SER D 40 14.80 15.00 -12.78
CA SER D 40 15.75 13.92 -12.93
C SER D 40 15.54 12.85 -11.87
N PRO D 41 15.93 11.62 -12.15
CA PRO D 41 15.86 10.56 -11.14
C PRO D 41 16.63 10.89 -9.87
N GLY D 42 17.76 11.55 -9.99
CA GLY D 42 18.60 11.82 -8.82
C GLY D 42 18.09 12.94 -7.93
N LYS D 43 17.56 13.99 -8.51
CA LYS D 43 17.25 15.19 -7.73
C LYS D 43 15.82 15.68 -7.92
N GLY D 44 14.99 14.95 -8.68
CA GLY D 44 13.61 15.36 -8.83
C GLY D 44 13.52 16.69 -9.55
N LEU D 45 12.52 17.49 -9.16
CA LEU D 45 12.32 18.81 -9.75
C LEU D 45 13.36 19.80 -9.25
N GLU D 46 13.93 20.56 -10.16
CA GLU D 46 15.10 21.35 -9.84
C GLU D 46 15.10 22.59 -10.70
N TRP D 47 15.04 23.75 -10.05
CA TRP D 47 15.10 25.03 -10.74
C TRP D 47 16.53 25.30 -11.22
N LEU D 48 16.68 25.60 -12.51
CA LEU D 48 18.00 25.82 -13.10
C LEU D 48 18.34 27.30 -13.25
N GLY D 49 17.42 28.11 -13.77
CA GLY D 49 17.71 29.53 -13.92
C GLY D 49 16.55 30.28 -14.56
N VAL D 50 16.83 31.51 -14.99
CA VAL D 50 15.80 32.41 -15.50
C VAL D 50 16.49 33.49 -16.33
N ILE D 51 15.83 33.90 -17.41
CA ILE D 51 16.20 35.14 -18.11
C ILE D 51 15.02 36.09 -18.06
N TRP D 52 15.26 37.30 -17.56
CA TRP D 52 14.18 38.24 -17.29
C TRP D 52 13.87 39.11 -18.49
N SER D 53 12.74 39.82 -18.39
CA SER D 53 12.23 40.68 -19.47
C SER D 53 13.35 41.46 -20.14
N GLY D 54 14.11 42.21 -19.35
CA GLY D 54 15.21 43.01 -19.83
C GLY D 54 16.47 42.28 -20.16
N GLY D 55 16.53 40.96 -19.94
CA GLY D 55 17.65 40.17 -20.40
C GLY D 55 18.66 39.76 -19.35
N ASN D 56 18.54 40.23 -18.11
CA ASN D 56 19.38 39.70 -17.04
C ASN D 56 19.13 38.21 -16.85
N THR D 57 20.13 37.53 -16.30
CA THR D 57 20.03 36.10 -16.03
C THR D 57 20.38 35.82 -14.58
N ASP D 58 19.70 34.83 -14.01
CA ASP D 58 20.09 34.24 -12.74
C ASP D 58 20.23 32.74 -12.93
N TYR D 59 21.26 32.18 -12.31
CA TYR D 59 21.51 30.75 -12.35
C TYR D 59 21.51 30.20 -10.93
N ASN D 60 20.87 29.05 -10.75
CA ASN D 60 20.97 28.37 -9.47
C ASN D 60 22.44 28.03 -9.23
N THR D 61 22.90 28.21 -7.99
CA THR D 61 24.31 28.06 -7.61
C THR D 61 25.03 26.89 -8.30
N PRO D 62 24.52 25.64 -8.30
CA PRO D 62 25.29 24.52 -8.87
C PRO D 62 25.53 24.59 -10.37
N PHE D 63 25.00 25.60 -11.05
CA PHE D 63 25.07 25.68 -12.50
C PHE D 63 25.71 26.97 -12.97
N THR D 64 26.14 27.83 -12.05
CA THR D 64 26.65 29.15 -12.41
C THR D 64 27.80 29.09 -13.42
N SER D 65 28.53 27.98 -13.45
CA SER D 65 29.72 27.90 -14.30
C SER D 65 29.48 27.25 -15.66
N ARG D 66 28.38 26.53 -15.84
CA ARG D 66 28.22 25.81 -17.10
C ARG D 66 26.92 26.10 -17.83
N LEU D 67 26.13 27.03 -17.35
CA LEU D 67 24.82 27.32 -17.91
C LEU D 67 24.82 28.73 -18.52
N SER D 68 24.13 28.90 -19.64
CA SER D 68 23.97 30.22 -20.22
C SER D 68 22.63 30.28 -20.94
N ILE D 69 21.78 31.23 -20.56
CA ILE D 69 20.47 31.42 -21.15
C ILE D 69 20.49 32.74 -21.92
N ASN D 70 20.12 32.68 -23.20
CA ASN D 70 20.02 33.85 -24.07
C ASN D 70 18.68 33.85 -24.76
N LYS D 71 18.32 34.98 -25.37
CA LYS D 71 17.04 35.04 -26.05
C LYS D 71 17.10 35.99 -27.23
N ASP D 72 16.05 35.92 -28.04
CA ASP D 72 15.84 36.83 -29.16
C ASP D 72 14.39 37.29 -29.05
N ASN D 73 14.20 38.54 -28.64
CA ASN D 73 12.86 39.04 -28.34
C ASN D 73 11.93 38.98 -29.54
N SER D 74 12.42 39.37 -30.73
CA SER D 74 11.54 39.50 -31.89
C SER D 74 11.19 38.17 -32.53
N LYS D 75 12.00 37.13 -32.31
CA LYS D 75 11.62 35.80 -32.75
C LYS D 75 10.91 35.00 -31.66
N SER D 76 10.70 35.58 -30.48
CA SER D 76 10.04 34.91 -29.36
C SER D 76 10.73 33.59 -28.99
N GLN D 77 12.06 33.57 -29.10
CA GLN D 77 12.83 32.36 -28.80
C GLN D 77 13.75 32.58 -27.62
N VAL D 78 13.87 31.55 -26.77
CA VAL D 78 14.79 31.54 -25.63
C VAL D 78 15.75 30.38 -25.81
N PHE D 79 17.03 30.64 -25.64
CA PHE D 79 18.08 29.67 -25.93
C PHE D 79 18.76 29.23 -24.64
N PHE D 80 18.72 27.93 -24.38
CA PHE D 80 19.28 27.31 -23.17
C PHE D 80 20.46 26.47 -23.57
N LYS D 81 21.61 26.72 -22.97
CA LYS D 81 22.81 25.96 -23.28
C LYS D 81 23.54 25.60 -21.99
N MET D 82 23.83 24.31 -21.80
CA MET D 82 24.52 23.82 -20.61
C MET D 82 25.72 23.00 -21.04
N ASN D 83 26.84 23.18 -20.33
CA ASN D 83 28.13 22.64 -20.71
C ASN D 83 28.47 21.35 -19.99
N SER D 84 29.28 20.52 -20.65
CA SER D 84 29.92 19.37 -20.03
CA SER D 84 29.92 19.36 -20.04
C SER D 84 28.91 18.51 -19.26
N LEU D 85 28.10 17.79 -20.02
CA LEU D 85 27.08 16.94 -19.41
C LEU D 85 27.68 15.61 -18.97
N GLN D 86 27.18 15.12 -17.85
CA GLN D 86 27.50 13.80 -17.34
C GLN D 86 26.19 13.02 -17.32
N SER D 87 26.30 11.71 -17.08
CA SER D 87 25.12 10.88 -17.20
C SER D 87 24.03 11.27 -16.20
N ASN D 88 24.37 11.86 -15.06
CA ASN D 88 23.31 12.23 -14.14
C ASN D 88 22.66 13.56 -14.48
N ASP D 89 23.12 14.25 -15.53
CA ASP D 89 22.36 15.32 -16.15
C ASP D 89 21.30 14.76 -17.09
N THR D 90 21.16 13.43 -17.15
CA THR D 90 20.04 12.84 -17.88
C THR D 90 18.75 13.18 -17.17
N ALA D 91 17.86 13.87 -17.86
CA ALA D 91 16.68 14.44 -17.23
C ALA D 91 15.78 14.98 -18.32
N ILE D 92 14.56 15.35 -17.93
CA ILE D 92 13.68 16.12 -18.79
C ILE D 92 13.82 17.59 -18.42
N TYR D 93 14.02 18.43 -19.44
CA TYR D 93 14.26 19.86 -19.28
C TYR D 93 13.04 20.63 -19.74
N TYR D 94 12.55 21.54 -18.90
CA TYR D 94 11.40 22.37 -19.21
C TYR D 94 11.79 23.84 -19.20
N CYS D 95 11.16 24.62 -20.08
CA CYS D 95 11.04 26.04 -19.87
C CYS D 95 9.65 26.33 -19.33
N ALA D 96 9.50 27.48 -18.66
CA ALA D 96 8.28 27.75 -17.91
C ALA D 96 8.11 29.25 -17.72
N ARG D 97 6.86 29.68 -17.65
CA ARG D 97 6.52 31.09 -17.44
C ARG D 97 5.66 31.25 -16.20
N ALA D 98 6.06 32.21 -15.35
CA ALA D 98 5.31 32.52 -14.15
C ALA D 98 4.03 33.27 -14.50
N LEU D 99 3.10 33.28 -13.56
CA LEU D 99 1.85 34.05 -13.71
C LEU D 99 2.13 35.54 -13.74
N THR D 100 3.01 35.98 -12.86
CA THR D 100 3.37 37.38 -12.74
C THR D 100 4.78 37.55 -13.24
N TYR D 101 5.04 38.70 -13.87
CA TYR D 101 6.30 38.89 -14.58
C TYR D 101 7.51 38.72 -13.69
N TYR D 102 7.44 39.09 -12.42
CA TYR D 102 8.56 39.04 -11.50
C TYR D 102 8.59 37.76 -10.67
N ASP D 103 7.57 36.92 -10.75
CA ASP D 103 7.34 35.88 -9.76
C ASP D 103 7.82 34.50 -10.24
N TYR D 104 7.60 33.49 -9.40
CA TYR D 104 8.11 32.16 -9.66
C TYR D 104 7.03 31.09 -9.57
N GLU D 105 5.77 31.46 -9.77
CA GLU D 105 4.68 30.49 -9.68
C GLU D 105 4.32 30.09 -11.11
N PHE D 106 4.72 28.87 -11.49
CA PHE D 106 4.86 28.48 -12.89
C PHE D 106 3.54 27.97 -13.45
N ALA D 107 2.78 28.89 -14.05
CA ALA D 107 1.47 28.57 -14.56
C ALA D 107 1.52 27.93 -15.94
N TYR D 108 2.57 28.19 -16.73
CA TYR D 108 2.66 27.74 -18.12
C TYR D 108 4.01 27.08 -18.34
N TRP D 109 4.00 25.87 -18.90
CA TRP D 109 5.20 25.07 -19.08
C TRP D 109 5.37 24.63 -20.53
N GLY D 110 6.62 24.39 -20.92
CA GLY D 110 6.88 23.69 -22.16
C GLY D 110 6.41 22.24 -22.05
N GLN D 111 6.49 21.51 -23.16
CA GLN D 111 6.18 20.08 -23.08
C GLN D 111 7.34 19.26 -22.52
N GLY D 112 8.52 19.85 -22.39
CA GLY D 112 9.65 19.10 -21.88
C GLY D 112 10.46 18.46 -23.00
N THR D 113 11.76 18.34 -22.75
CA THR D 113 12.69 17.72 -23.69
C THR D 113 13.49 16.67 -22.94
N LEU D 114 13.36 15.40 -23.36
CA LEU D 114 14.11 14.33 -22.71
C LEU D 114 15.54 14.32 -23.24
N VAL D 115 16.50 14.47 -22.34
CA VAL D 115 17.91 14.56 -22.71
C VAL D 115 18.64 13.35 -22.16
N THR D 116 19.18 12.53 -23.06
CA THR D 116 19.95 11.36 -22.68
C THR D 116 21.43 11.66 -22.88
N VAL D 117 22.20 11.50 -21.81
CA VAL D 117 23.65 11.61 -21.86
C VAL D 117 24.21 10.20 -22.05
N SER D 118 24.91 9.99 -23.16
CA SER D 118 25.37 8.65 -23.51
C SER D 118 26.33 8.75 -24.69
N ALA D 119 27.31 7.85 -24.70
CA ALA D 119 28.24 7.74 -25.82
C ALA D 119 27.68 6.91 -26.97
N ALA D 120 26.52 6.29 -26.78
CA ALA D 120 25.96 5.35 -27.73
C ALA D 120 25.46 6.08 -28.98
N SER D 121 25.02 5.30 -29.96
CA SER D 121 24.52 5.81 -31.22
C SER D 121 23.00 5.86 -31.22
N THR D 122 22.47 6.80 -31.99
CA THR D 122 21.05 6.81 -32.29
C THR D 122 20.71 5.62 -33.17
N LYS D 123 19.59 4.97 -32.86
CA LYS D 123 19.10 3.88 -33.70
C LYS D 123 17.58 3.96 -33.77
N GLY D 124 17.05 3.91 -34.98
CA GLY D 124 15.63 3.95 -35.17
C GLY D 124 15.02 2.58 -34.91
N PRO D 125 13.72 2.53 -34.63
CA PRO D 125 13.08 1.27 -34.29
C PRO D 125 12.59 0.51 -35.52
N SER D 126 12.38 -0.78 -35.31
CA SER D 126 11.58 -1.59 -36.21
C SER D 126 10.22 -1.74 -35.56
N VAL D 127 9.16 -1.64 -36.37
CA VAL D 127 7.78 -1.69 -35.88
C VAL D 127 7.14 -2.96 -36.42
N PHE D 128 6.59 -3.77 -35.51
CA PHE D 128 6.02 -5.08 -35.83
C PHE D 128 4.58 -5.17 -35.36
N PRO D 129 3.76 -5.94 -36.05
CA PRO D 129 2.35 -6.07 -35.65
C PRO D 129 2.16 -7.02 -34.48
N LEU D 130 1.28 -6.63 -33.56
CA LEU D 130 0.76 -7.56 -32.53
C LEU D 130 -0.64 -7.91 -32.99
N ALA D 131 -0.76 -9.05 -33.66
CA ALA D 131 -1.98 -9.40 -34.36
C ALA D 131 -2.68 -10.59 -33.72
N PRO D 132 -4.01 -10.53 -33.57
CA PRO D 132 -4.75 -11.68 -33.04
C PRO D 132 -4.84 -12.83 -34.03
N GLY D 140 -16.42 -10.94 -27.45
CA GLY D 140 -16.04 -10.71 -28.83
C GLY D 140 -15.10 -9.51 -28.95
N THR D 141 -14.23 -9.36 -27.96
CA THR D 141 -13.26 -8.28 -27.94
C THR D 141 -11.91 -8.80 -28.45
N ALA D 142 -11.29 -8.05 -29.34
CA ALA D 142 -9.98 -8.34 -29.88
C ALA D 142 -8.96 -7.32 -29.39
N ALA D 143 -7.73 -7.76 -29.19
CA ALA D 143 -6.63 -6.87 -28.89
C ALA D 143 -5.63 -6.91 -30.03
N LEU D 144 -5.14 -5.75 -30.43
CA LEU D 144 -4.04 -5.72 -31.37
C LEU D 144 -3.04 -4.70 -30.88
N GLY D 145 -1.92 -4.61 -31.57
CA GLY D 145 -0.91 -3.67 -31.13
C GLY D 145 0.27 -3.59 -32.07
N CYS D 146 1.26 -2.82 -31.62
CA CYS D 146 2.49 -2.57 -32.35
C CYS D 146 3.65 -2.75 -31.39
N LEU D 147 4.64 -3.52 -31.81
CA LEU D 147 5.86 -3.71 -31.04
C LEU D 147 6.91 -2.78 -31.65
N VAL D 148 7.39 -1.85 -30.84
CA VAL D 148 8.35 -0.85 -31.29
C VAL D 148 9.69 -1.22 -30.68
N LYS D 149 10.56 -1.84 -31.47
CA LYS D 149 11.69 -2.58 -30.93
C LYS D 149 13.04 -2.04 -31.39
N ASP D 150 13.99 -2.06 -30.47
CA ASP D 150 15.41 -1.79 -30.75
C ASP D 150 15.68 -0.36 -31.20
N TYR D 151 15.33 0.63 -30.38
CA TYR D 151 15.65 2.02 -30.67
C TYR D 151 16.45 2.63 -29.53
N PHE D 152 17.11 3.74 -29.84
CA PHE D 152 17.87 4.51 -28.85
C PHE D 152 18.12 5.91 -29.38
N PRO D 153 17.93 6.92 -28.52
CA PRO D 153 17.45 6.85 -27.14
C PRO D 153 15.95 7.02 -27.01
N GLU D 154 15.44 7.07 -25.79
CA GLU D 154 14.07 7.47 -25.59
C GLU D 154 13.92 8.93 -26.04
N PRO D 155 12.70 9.35 -26.41
CA PRO D 155 11.46 8.59 -26.46
C PRO D 155 10.96 8.33 -27.86
N VAL D 156 9.88 7.57 -27.94
CA VAL D 156 9.15 7.36 -29.17
C VAL D 156 7.71 7.74 -28.91
N THR D 157 7.03 8.32 -29.90
CA THR D 157 5.61 8.60 -29.75
C THR D 157 4.81 7.61 -30.57
N VAL D 158 3.63 7.25 -30.06
CA VAL D 158 2.75 6.32 -30.73
C VAL D 158 1.31 6.80 -30.58
N SER D 159 0.59 6.89 -31.68
CA SER D 159 -0.84 7.13 -31.70
C SER D 159 -1.48 6.06 -32.56
N TRP D 160 -2.80 6.04 -32.59
CA TRP D 160 -3.56 5.11 -33.41
C TRP D 160 -4.51 5.89 -34.30
N ASN D 161 -4.55 5.52 -35.58
CA ASN D 161 -5.39 6.18 -36.59
C ASN D 161 -5.28 7.71 -36.49
N SER D 162 -4.05 8.19 -36.37
CA SER D 162 -3.74 9.63 -36.39
C SER D 162 -4.44 10.40 -35.27
N GLY D 163 -4.66 9.76 -34.13
CA GLY D 163 -5.22 10.41 -32.99
C GLY D 163 -6.70 10.21 -32.82
N ALA D 164 -7.39 9.69 -33.83
CA ALA D 164 -8.84 9.53 -33.78
C ALA D 164 -9.26 8.36 -32.90
N LEU D 165 -8.33 7.47 -32.56
CA LEU D 165 -8.62 6.26 -31.80
C LEU D 165 -7.87 6.37 -30.48
N THR D 166 -8.59 6.59 -29.40
CA THR D 166 -8.01 6.78 -28.08
C THR D 166 -8.60 5.87 -27.02
N SER D 167 -9.86 5.50 -27.16
CA SER D 167 -10.53 4.67 -26.18
C SER D 167 -9.95 3.26 -26.24
N GLY D 168 -9.49 2.78 -25.09
CA GLY D 168 -8.92 1.45 -25.02
C GLY D 168 -7.46 1.35 -25.43
N VAL D 169 -6.79 2.47 -25.70
CA VAL D 169 -5.37 2.44 -26.04
C VAL D 169 -4.55 2.41 -24.75
N HIS D 170 -3.59 1.48 -24.69
CA HIS D 170 -2.55 1.45 -23.66
C HIS D 170 -1.19 1.44 -24.35
N THR D 171 -0.40 2.48 -24.09
CA THR D 171 0.98 2.54 -24.55
C THR D 171 1.87 2.36 -23.33
N PHE D 172 2.63 1.27 -23.30
CA PHE D 172 3.34 0.87 -22.10
C PHE D 172 4.64 1.68 -21.96
N PRO D 173 5.16 1.78 -20.75
CA PRO D 173 6.51 2.31 -20.57
C PRO D 173 7.52 1.48 -21.35
N ALA D 174 8.48 2.16 -21.98
CA ALA D 174 9.59 1.45 -22.62
C ALA D 174 10.40 0.65 -21.58
N VAL D 175 10.95 -0.48 -22.01
CA VAL D 175 11.90 -1.25 -21.19
C VAL D 175 13.27 -1.13 -21.82
N LEU D 176 14.29 -1.03 -20.96
CA LEU D 176 15.68 -1.15 -21.42
C LEU D 176 16.02 -2.63 -21.58
N GLN D 177 16.47 -3.01 -22.77
CA GLN D 177 16.86 -4.38 -23.05
C GLN D 177 18.29 -4.63 -22.61
N SER D 178 18.66 -5.90 -22.48
CA SER D 178 20.05 -6.21 -22.14
C SER D 178 21.01 -5.72 -23.21
N SER D 179 20.53 -5.52 -24.44
CA SER D 179 21.34 -5.00 -25.53
C SER D 179 21.62 -3.51 -25.42
N GLY D 180 20.99 -2.80 -24.47
CA GLY D 180 21.09 -1.36 -24.39
C GLY D 180 20.12 -0.60 -25.28
N LEU D 181 19.31 -1.28 -26.08
CA LEU D 181 18.28 -0.66 -26.89
C LEU D 181 16.96 -0.73 -26.14
N TYR D 182 16.09 0.24 -26.42
CA TYR D 182 14.77 0.26 -25.79
C TYR D 182 13.77 -0.52 -26.62
N SER D 183 12.69 -0.91 -25.95
CA SER D 183 11.58 -1.57 -26.61
C SER D 183 10.30 -1.14 -25.93
N LEU D 184 9.21 -1.12 -26.70
CA LEU D 184 7.96 -0.54 -26.24
C LEU D 184 6.80 -1.18 -27.00
N SER D 185 5.68 -1.33 -26.32
CA SER D 185 4.48 -1.88 -26.93
C SER D 185 3.31 -0.95 -26.69
N SER D 186 2.43 -0.89 -27.69
CA SER D 186 1.18 -0.14 -27.63
C SER D 186 0.07 -1.05 -28.10
N VAL D 187 -1.04 -1.10 -27.35
CA VAL D 187 -2.13 -2.00 -27.66
C VAL D 187 -3.46 -1.25 -27.59
N VAL D 188 -4.46 -1.84 -28.20
CA VAL D 188 -5.81 -1.32 -28.16
C VAL D 188 -6.75 -2.51 -28.31
N THR D 189 -7.89 -2.43 -27.66
CA THR D 189 -8.91 -3.45 -27.80
C THR D 189 -10.05 -2.89 -28.62
N VAL D 190 -10.55 -3.70 -29.55
CA VAL D 190 -11.62 -3.30 -30.46
C VAL D 190 -12.63 -4.41 -30.59
N PRO D 191 -13.84 -4.09 -31.06
CA PRO D 191 -14.80 -5.14 -31.41
C PRO D 191 -14.25 -6.03 -32.50
N SER D 192 -14.25 -7.35 -32.25
CA SER D 192 -13.68 -8.28 -33.22
C SER D 192 -14.40 -8.22 -34.56
N SER D 193 -15.68 -7.86 -34.59
CA SER D 193 -16.40 -7.81 -35.86
C SER D 193 -16.03 -6.59 -36.70
N SER D 194 -15.18 -5.71 -36.18
CA SER D 194 -14.70 -4.57 -36.94
C SER D 194 -13.35 -4.81 -37.58
N LEU D 195 -12.69 -5.94 -37.28
CA LEU D 195 -11.39 -6.25 -37.89
C LEU D 195 -11.44 -6.31 -39.41
N GLY D 196 -12.62 -6.53 -39.98
CA GLY D 196 -12.73 -6.60 -41.42
C GLY D 196 -12.81 -5.23 -42.07
N THR D 197 -13.63 -4.34 -41.51
CA THR D 197 -14.00 -3.12 -42.21
C THR D 197 -13.26 -1.87 -41.75
N GLN D 198 -12.79 -1.83 -40.51
CA GLN D 198 -12.06 -0.68 -40.00
C GLN D 198 -10.57 -0.96 -40.10
N THR D 199 -9.81 0.03 -40.54
CA THR D 199 -8.36 -0.06 -40.54
C THR D 199 -7.83 0.44 -39.20
N TYR D 200 -6.82 -0.25 -38.68
CA TYR D 200 -6.16 0.16 -37.45
C TYR D 200 -4.68 0.36 -37.74
N ILE D 201 -4.24 1.61 -37.59
CA ILE D 201 -2.90 2.04 -37.94
C ILE D 201 -2.25 2.52 -36.65
N CYS D 202 -1.03 2.11 -36.38
CA CYS D 202 -0.27 2.75 -35.33
C CYS D 202 0.75 3.68 -35.96
N ASN D 203 0.80 4.92 -35.48
CA ASN D 203 1.70 5.94 -36.01
C ASN D 203 2.86 6.06 -35.03
N VAL D 204 4.03 5.63 -35.48
CA VAL D 204 5.22 5.59 -34.63
C VAL D 204 6.17 6.66 -35.14
N ASN D 205 6.62 7.52 -34.23
CA ASN D 205 7.60 8.55 -34.58
C ASN D 205 8.72 8.49 -33.55
N HIS D 206 9.92 8.16 -34.03
CA HIS D 206 11.13 8.26 -33.22
C HIS D 206 11.91 9.48 -33.71
N LYS D 207 11.66 10.62 -33.08
CA LYS D 207 12.29 11.86 -33.50
C LYS D 207 13.82 11.87 -33.40
N PRO D 208 14.48 11.27 -32.39
CA PRO D 208 15.95 11.34 -32.36
C PRO D 208 16.60 10.82 -33.61
N SER D 209 15.93 9.92 -34.34
CA SER D 209 16.45 9.31 -35.55
C SER D 209 15.67 9.75 -36.80
N ASN D 210 14.66 10.61 -36.63
CA ASN D 210 13.77 10.99 -37.73
C ASN D 210 13.16 9.76 -38.40
N THR D 211 12.66 8.84 -37.59
CA THR D 211 12.00 7.63 -38.11
C THR D 211 10.51 7.72 -37.88
N LYS D 212 9.75 7.75 -38.97
CA LYS D 212 8.30 7.75 -38.96
C LYS D 212 7.78 6.50 -39.66
N VAL D 213 6.91 5.78 -38.97
CA VAL D 213 6.32 4.56 -39.50
C VAL D 213 4.83 4.57 -39.16
N ASP D 214 3.99 4.35 -40.18
CA ASP D 214 2.58 4.03 -40.02
C ASP D 214 2.41 2.56 -40.33
N LYS D 215 2.04 1.77 -39.34
CA LYS D 215 1.91 0.34 -39.53
C LYS D 215 0.45 -0.05 -39.34
N ARG D 216 -0.09 -0.79 -40.32
CA ARG D 216 -1.41 -1.38 -40.20
C ARG D 216 -1.31 -2.74 -39.51
N VAL D 217 -2.26 -3.00 -38.63
CA VAL D 217 -2.25 -4.22 -37.82
C VAL D 217 -3.59 -4.92 -38.02
N GLU D 218 -3.55 -6.20 -38.36
CA GLU D 218 -4.74 -7.00 -38.64
C GLU D 218 -4.39 -8.45 -38.44
N PRO D 219 -5.39 -9.33 -38.25
CA PRO D 219 -5.09 -10.76 -38.10
C PRO D 219 -4.41 -11.32 -39.34
N LYS D 220 -3.48 -12.24 -39.11
CA LYS D 220 -2.64 -12.78 -40.19
C LYS D 220 -3.39 -13.81 -41.03
N GLY E 1 -10.32 -0.23 8.18
CA GLY E 1 -10.66 1.02 8.86
C GLY E 1 -11.53 0.84 10.10
N GLN E 2 -11.87 -0.40 10.39
CA GLN E 2 -12.72 -0.76 11.51
C GLN E 2 -11.89 -1.54 12.53
N PHE E 3 -12.05 -1.18 13.80
CA PHE E 3 -11.42 -1.95 14.88
C PHE E 3 -12.00 -3.36 14.93
N ASP E 4 -11.12 -4.35 15.02
CA ASP E 4 -11.52 -5.76 15.08
C ASP E 4 -11.32 -6.27 16.50
N LEU E 5 -12.42 -6.69 17.14
CA LEU E 5 -12.35 -7.16 18.51
C LEU E 5 -11.47 -8.38 18.68
N SER E 6 -11.43 -9.25 17.66
CA SER E 6 -10.61 -10.44 17.77
C SER E 6 -9.14 -10.09 17.99
N THR E 7 -8.61 -9.18 17.19
CA THR E 7 -7.18 -8.96 17.07
C THR E 7 -6.72 -7.64 17.72
N ARG E 9 -6.77 -5.03 16.18
CA ARG E 9 -6.08 -4.33 15.11
C ARG E 9 -7.11 -3.72 14.18
N LEU E 10 -6.74 -2.64 13.49
CA LEU E 10 -7.63 -2.08 12.50
C LEU E 10 -7.72 -3.00 11.31
N LYS E 11 -8.94 -3.17 10.79
CA LYS E 11 -9.20 -4.07 9.68
C LYS E 11 -10.24 -3.38 8.80
N GLY E 12 -9.82 -2.93 7.63
CA GLY E 12 -10.70 -2.16 6.77
C GLY E 12 -11.21 -0.90 7.44
N GLY F 1 9.52 6.40 -4.95
CA GLY F 1 9.96 7.69 -4.46
C GLY F 1 10.94 8.38 -5.37
N GLN F 2 11.14 7.83 -6.57
CA GLN F 2 12.12 8.28 -7.55
C GLN F 2 11.42 8.65 -8.85
N PHE F 3 11.82 9.79 -9.43
CA PHE F 3 11.30 10.13 -10.74
C PHE F 3 11.87 9.17 -11.77
N ASP F 4 10.98 8.61 -12.58
CA ASP F 4 11.29 7.65 -13.63
C ASP F 4 11.15 8.35 -14.97
N LEU F 5 12.24 8.39 -15.74
CA LEU F 5 12.24 9.09 -17.03
C LEU F 5 11.32 8.42 -18.04
N SER F 6 11.26 7.08 -18.03
CA SER F 6 10.41 6.39 -19.00
C SER F 6 8.93 6.68 -18.77
N THR F 7 8.46 6.50 -17.54
CA THR F 7 7.04 6.71 -17.24
C THR F 7 6.71 8.18 -17.04
N ARG F 9 6.60 9.39 -14.23
CA ARG F 9 5.90 9.37 -12.93
C ARG F 9 6.87 8.99 -11.81
N LEU F 10 6.46 9.25 -10.57
CA LEU F 10 7.21 8.75 -9.44
C LEU F 10 7.18 7.22 -9.40
N LYS F 11 8.28 6.63 -8.95
CA LYS F 11 8.36 5.17 -8.83
C LYS F 11 9.37 4.88 -7.73
N GLY F 12 8.89 4.33 -6.62
CA GLY F 12 9.77 4.05 -5.48
C GLY F 12 10.29 5.31 -4.82
#